data_2P4B
#
_entry.id   2P4B
#
_cell.length_a   97.683
_cell.length_b   197.681
_cell.length_c   108.951
_cell.angle_alpha   90.00
_cell.angle_beta   90.00
_cell.angle_gamma   90.00
#
_symmetry.space_group_name_H-M   'C 2 2 21'
#
loop_
_entity.id
_entity.type
_entity.pdbx_description
1 polymer 'Sigma-E factor regulatory protein rseB'
2 non-polymer 'octyl beta-D-glucopyranoside'
3 water water
#
_entity_poly.entity_id   1
_entity_poly.type   'polypeptide(L)'
_entity_poly.pdbx_seq_one_letter_code
;TPASGALLQQMNLASQSLNYELSFISINKQGVESLRYRHARLDNRPLAQLLQMDGPRREVVQRGNEISYFEPGLEPFTLN
GDYIVDSLPSLIYTDFKRLSPYYDFISVGRTRIADRLCEVIRVVARDGTRYSYIVWMDTESKLPMRVDLLDRDGETLEQF
RVIAFNVNQDISSSMQTLAKANLPPLLSVPVGEKAKFSWTPTWLPQGFSEVSSSRRPLPTMDNMPIESRLYSDGLFSFSV
NVNRATPSSTDQMLRTGRRTVSTSVRDNAEITIVGELPPQTAKRIAENIKFGAAQ
;
_entity_poly.pdbx_strand_id   A,B,C
#
# COMPACT_ATOMS: atom_id res chain seq x y z
N ALA A 3 13.38 -15.54 -31.98
CA ALA A 3 13.68 -16.15 -30.65
C ALA A 3 13.02 -15.33 -29.54
N SER A 4 12.59 -16.01 -28.48
CA SER A 4 11.95 -15.32 -27.36
C SER A 4 12.73 -14.07 -26.98
N GLY A 5 14.03 -14.23 -26.78
CA GLY A 5 14.88 -13.11 -26.42
C GLY A 5 14.79 -11.96 -27.41
N ALA A 6 14.54 -12.28 -28.68
CA ALA A 6 14.44 -11.25 -29.70
C ALA A 6 13.10 -10.51 -29.63
N LEU A 7 12.05 -11.23 -29.21
CA LEU A 7 10.72 -10.62 -29.07
C LEU A 7 10.75 -9.65 -27.89
N LEU A 8 11.26 -10.11 -26.76
CA LEU A 8 11.35 -9.28 -25.57
C LEU A 8 12.13 -8.03 -25.96
N GLN A 9 13.13 -8.24 -26.80
CA GLN A 9 13.99 -7.17 -27.29
C GLN A 9 13.15 -6.21 -28.15
N GLN A 10 12.29 -6.78 -28.99
CA GLN A 10 11.42 -5.98 -29.86
C GLN A 10 10.39 -5.17 -29.07
N MET A 11 9.82 -5.79 -28.04
CA MET A 11 8.83 -5.17 -27.17
C MET A 11 9.44 -3.91 -26.57
N ASN A 12 10.73 -4.02 -26.23
CA ASN A 12 11.48 -2.93 -25.66
C ASN A 12 11.51 -1.71 -26.58
N LEU A 13 11.79 -1.93 -27.86
CA LEU A 13 11.88 -0.84 -28.83
C LEU A 13 10.54 -0.23 -29.23
N ALA A 14 9.54 -1.07 -29.45
CA ALA A 14 8.22 -0.58 -29.81
C ALA A 14 7.67 0.35 -28.73
N SER A 15 7.93 0.00 -27.47
CA SER A 15 7.45 0.81 -26.36
C SER A 15 8.15 2.16 -26.34
N GLN A 16 9.30 2.23 -26.99
CA GLN A 16 10.06 3.48 -27.03
C GLN A 16 9.90 4.25 -28.33
N SER A 17 9.58 3.56 -29.41
CA SER A 17 9.46 4.20 -30.71
C SER A 17 8.05 4.53 -31.20
N LEU A 18 7.08 3.68 -30.89
CA LEU A 18 5.70 3.91 -31.32
C LEU A 18 4.93 4.95 -30.51
N ASN A 19 3.85 5.47 -31.11
CA ASN A 19 2.97 6.42 -30.44
C ASN A 19 1.78 5.54 -30.13
N TYR A 20 1.28 5.59 -28.90
CA TYR A 20 0.16 4.74 -28.51
C TYR A 20 -0.48 5.16 -27.21
N GLU A 21 -1.68 4.63 -26.98
CA GLU A 21 -2.38 4.92 -25.75
C GLU A 21 -2.85 3.59 -25.18
N LEU A 22 -2.50 3.35 -23.92
CA LEU A 22 -2.92 2.12 -23.29
C LEU A 22 -3.76 2.46 -22.08
N SER A 23 -4.92 1.83 -21.98
CA SER A 23 -5.79 2.03 -20.82
C SER A 23 -5.63 0.69 -20.11
N PHE A 24 -5.13 0.74 -18.87
CA PHE A 24 -4.89 -0.52 -18.19
C PHE A 24 -5.17 -0.51 -16.72
N ILE A 25 -4.90 -1.67 -16.10
CA ILE A 25 -5.07 -1.84 -14.66
C ILE A 25 -3.82 -2.38 -14.00
N SER A 26 -3.66 -2.05 -12.73
CA SER A 26 -2.53 -2.51 -11.94
C SER A 26 -3.16 -3.25 -10.75
N ILE A 27 -2.82 -4.51 -10.59
CA ILE A 27 -3.41 -5.32 -9.53
C ILE A 27 -2.42 -5.91 -8.54
N ASN A 28 -2.79 -5.85 -7.28
CA ASN A 28 -1.99 -6.43 -6.20
C ASN A 28 -2.86 -6.54 -4.95
N LYS A 29 -2.23 -6.78 -3.79
CA LYS A 29 -3.00 -6.88 -2.55
C LYS A 29 -3.78 -5.58 -2.29
N GLN A 30 -3.12 -4.44 -2.49
CA GLN A 30 -3.72 -3.12 -2.27
C GLN A 30 -5.04 -2.88 -3.02
N GLY A 31 -5.17 -3.44 -4.22
CA GLY A 31 -6.40 -3.25 -4.98
C GLY A 31 -6.15 -3.16 -6.46
N VAL A 32 -7.16 -2.69 -7.19
CA VAL A 32 -7.05 -2.57 -8.63
C VAL A 32 -7.05 -1.09 -9.02
N GLU A 33 -6.01 -0.67 -9.74
CA GLU A 33 -5.87 0.71 -10.17
C GLU A 33 -6.15 0.95 -11.67
N SER A 34 -7.03 1.91 -11.97
CA SER A 34 -7.35 2.26 -13.35
C SER A 34 -6.37 3.34 -13.83
N LEU A 35 -5.65 3.07 -14.90
CA LEU A 35 -4.68 4.04 -15.39
C LEU A 35 -4.63 4.09 -16.93
N ARG A 36 -4.21 5.24 -17.46
CA ARG A 36 -4.06 5.42 -18.89
C ARG A 36 -2.65 5.93 -19.16
N TYR A 37 -1.98 5.31 -20.12
CA TYR A 37 -0.63 5.69 -20.49
C TYR A 37 -0.57 6.13 -21.95
N ARG A 38 -0.23 7.39 -22.18
CA ARG A 38 -0.07 7.90 -23.53
C ARG A 38 1.40 8.10 -23.76
N HIS A 39 1.87 7.63 -24.91
CA HIS A 39 3.28 7.75 -25.26
C HIS A 39 3.48 8.16 -26.72
N ALA A 40 4.55 8.91 -26.97
CA ALA A 40 4.88 9.34 -28.32
C ALA A 40 6.36 9.68 -28.39
N ARG A 41 6.90 9.52 -29.59
CA ARG A 41 8.30 9.83 -29.86
C ARG A 41 8.29 11.06 -30.76
N LEU A 42 8.94 12.14 -30.33
CA LEU A 42 9.01 13.34 -31.16
C LEU A 42 10.39 13.96 -31.12
N ASP A 43 11.06 13.97 -32.27
CA ASP A 43 12.40 14.53 -32.38
C ASP A 43 13.37 13.63 -31.64
N ASN A 44 13.13 12.31 -31.72
CA ASN A 44 13.93 11.32 -31.02
C ASN A 44 13.96 11.73 -29.55
N ARG A 45 12.76 12.03 -29.03
CA ARG A 45 12.59 12.49 -27.66
C ARG A 45 11.28 11.92 -27.09
N PRO A 46 11.36 11.21 -25.94
CA PRO A 46 10.22 10.59 -25.25
C PRO A 46 9.15 11.59 -24.81
N LEU A 47 7.88 11.22 -25.03
CA LEU A 47 6.73 12.04 -24.62
C LEU A 47 5.69 11.11 -23.99
N ALA A 48 5.28 11.38 -22.76
CA ALA A 48 4.31 10.50 -22.13
C ALA A 48 3.53 11.10 -20.99
N GLN A 49 2.37 10.50 -20.75
CA GLN A 49 1.51 10.91 -19.66
C GLN A 49 0.89 9.67 -19.02
N LEU A 50 0.91 9.67 -17.69
CA LEU A 50 0.31 8.60 -16.91
C LEU A 50 -0.80 9.30 -16.13
N LEU A 51 -2.05 8.93 -16.40
CA LEU A 51 -3.15 9.56 -15.70
C LEU A 51 -3.95 8.56 -14.86
N GLN A 52 -4.15 8.89 -13.59
CA GLN A 52 -4.96 8.05 -12.70
C GLN A 52 -6.39 8.38 -13.10
N MET A 53 -7.05 7.40 -13.67
CA MET A 53 -8.41 7.58 -14.16
C MET A 53 -9.50 7.67 -13.12
N ASP A 54 -9.22 7.23 -11.88
CA ASP A 54 -10.22 7.27 -10.83
C ASP A 54 -9.80 8.20 -9.70
N GLY A 55 -10.81 8.69 -8.95
CA GLY A 55 -10.52 9.58 -7.84
C GLY A 55 -9.84 10.86 -8.29
N PRO A 56 -9.11 11.54 -7.39
CA PRO A 56 -8.41 12.78 -7.73
C PRO A 56 -7.64 12.64 -9.03
N ARG A 57 -7.61 13.70 -9.84
CA ARG A 57 -6.89 13.64 -11.11
C ARG A 57 -5.38 13.77 -10.99
N ARG A 58 -4.71 12.71 -10.55
CA ARG A 58 -3.27 12.71 -10.41
C ARG A 58 -2.69 12.42 -11.79
N GLU A 59 -1.70 13.21 -12.20
CA GLU A 59 -1.09 13.01 -13.49
C GLU A 59 0.42 13.17 -13.40
N VAL A 60 1.12 12.39 -14.22
CA VAL A 60 2.59 12.45 -14.29
C VAL A 60 2.92 12.54 -15.78
N VAL A 61 3.97 13.29 -16.14
CA VAL A 61 4.33 13.41 -17.55
C VAL A 61 5.83 13.34 -17.80
N GLN A 62 6.19 12.77 -18.94
CA GLN A 62 7.58 12.70 -19.32
C GLN A 62 7.82 13.50 -20.60
N ARG A 63 8.88 14.32 -20.56
CA ARG A 63 9.31 15.11 -21.70
C ARG A 63 10.82 15.04 -21.59
N GLY A 64 11.41 14.11 -22.34
CA GLY A 64 12.85 13.96 -22.31
C GLY A 64 13.27 13.35 -20.98
N ASN A 65 14.13 14.05 -20.25
CA ASN A 65 14.60 13.56 -18.95
C ASN A 65 13.98 14.37 -17.82
N GLU A 66 12.76 14.83 -18.06
CA GLU A 66 12.01 15.60 -17.07
C GLU A 66 10.70 14.86 -16.80
N ILE A 67 10.35 14.75 -15.53
CA ILE A 67 9.12 14.06 -15.14
C ILE A 67 8.39 15.03 -14.22
N SER A 68 7.26 15.55 -14.69
CA SER A 68 6.51 16.51 -13.91
C SER A 68 5.25 15.88 -13.33
N TYR A 69 4.99 16.17 -12.05
CA TYR A 69 3.86 15.63 -11.31
C TYR A 69 2.74 16.62 -11.01
N PHE A 70 1.62 16.50 -11.72
CA PHE A 70 0.49 17.41 -11.53
C PHE A 70 -0.66 16.82 -10.73
N GLU A 71 -1.13 17.60 -9.77
CA GLU A 71 -2.22 17.19 -8.90
C GLU A 71 -3.00 18.40 -8.40
N PRO A 72 -4.34 18.33 -8.40
CA PRO A 72 -5.14 19.46 -7.94
C PRO A 72 -4.88 19.82 -6.47
N GLY A 73 -4.75 21.11 -6.20
CA GLY A 73 -4.50 21.58 -4.85
C GLY A 73 -3.06 21.43 -4.38
N LEU A 74 -2.14 21.26 -5.31
CA LEU A 74 -0.73 21.13 -4.96
C LEU A 74 0.16 21.72 -6.05
N GLU A 75 1.32 22.21 -5.64
CA GLU A 75 2.25 22.83 -6.57
C GLU A 75 2.95 21.82 -7.48
N PRO A 76 2.84 22.02 -8.81
CA PRO A 76 3.47 21.12 -9.78
C PRO A 76 4.99 21.21 -9.66
N PHE A 77 5.69 20.11 -9.92
CA PHE A 77 7.14 20.11 -9.83
C PHE A 77 7.73 19.11 -10.84
N THR A 78 9.04 19.22 -11.07
CA THR A 78 9.73 18.35 -12.01
C THR A 78 10.97 17.73 -11.41
N LEU A 79 11.29 16.52 -11.86
CA LEU A 79 12.45 15.80 -11.39
C LEU A 79 13.11 15.22 -12.63
N ASN A 80 14.27 14.61 -12.47
CA ASN A 80 14.96 13.97 -13.57
C ASN A 80 14.52 12.52 -13.57
N GLY A 81 14.56 11.89 -14.74
CA GLY A 81 14.17 10.49 -14.86
C GLY A 81 14.16 10.07 -16.32
N ASP A 82 14.46 8.81 -16.58
CA ASP A 82 14.48 8.31 -17.95
C ASP A 82 13.11 7.80 -18.37
N TYR A 83 12.20 7.71 -17.40
CA TYR A 83 10.84 7.26 -17.65
C TYR A 83 9.97 7.29 -16.41
N ILE A 84 8.66 7.26 -16.60
CA ILE A 84 7.72 7.29 -15.49
C ILE A 84 7.69 5.96 -14.75
N VAL A 85 7.98 6.01 -13.46
CA VAL A 85 7.99 4.82 -12.64
C VAL A 85 6.58 4.33 -12.38
N ASP A 86 6.42 3.01 -12.42
CA ASP A 86 5.14 2.41 -12.17
C ASP A 86 4.05 2.87 -13.12
N SER A 87 4.42 2.91 -14.40
CA SER A 87 3.52 3.24 -15.49
C SER A 87 3.56 1.91 -16.24
N LEU A 88 4.32 1.83 -17.33
CA LEU A 88 4.44 0.55 -18.01
C LEU A 88 5.32 -0.32 -17.09
N PRO A 89 5.29 -1.64 -17.25
CA PRO A 89 6.13 -2.48 -16.40
C PRO A 89 7.60 -2.19 -16.72
N SER A 90 8.39 -1.89 -15.69
CA SER A 90 9.82 -1.58 -15.86
C SER A 90 10.54 -2.64 -16.68
N LEU A 91 9.95 -3.82 -16.75
CA LEU A 91 10.52 -4.92 -17.54
C LEU A 91 10.72 -4.48 -18.98
N ILE A 92 9.83 -3.62 -19.46
CA ILE A 92 9.91 -3.14 -20.82
C ILE A 92 11.21 -2.38 -21.15
N TYR A 93 11.86 -1.80 -20.14
CA TYR A 93 13.09 -1.05 -20.37
C TYR A 93 14.34 -1.87 -20.11
N THR A 94 14.21 -3.18 -20.10
CA THR A 94 15.34 -4.03 -19.80
C THR A 94 16.24 -4.39 -20.97
N ASP A 95 17.55 -4.21 -20.78
CA ASP A 95 18.53 -4.60 -21.79
C ASP A 95 18.66 -6.13 -21.63
N PHE A 96 17.78 -6.86 -22.29
CA PHE A 96 17.74 -8.32 -22.24
C PHE A 96 19.05 -9.00 -22.65
N LYS A 97 19.86 -8.32 -23.46
CA LYS A 97 21.14 -8.86 -23.88
C LYS A 97 22.02 -9.04 -22.65
N ARG A 98 21.93 -8.09 -21.74
CA ARG A 98 22.72 -8.18 -20.52
C ARG A 98 22.28 -9.36 -19.63
N LEU A 99 21.02 -9.74 -19.71
CA LEU A 99 20.50 -10.83 -18.87
C LEU A 99 20.68 -12.24 -19.42
N SER A 100 20.76 -12.37 -20.75
CA SER A 100 20.85 -13.66 -21.43
C SER A 100 21.71 -14.75 -20.79
N PRO A 101 22.86 -14.39 -20.21
CA PRO A 101 23.65 -15.46 -19.59
C PRO A 101 23.14 -15.89 -18.21
N TYR A 102 22.18 -15.16 -17.68
CA TYR A 102 21.65 -15.48 -16.34
C TYR A 102 20.19 -15.91 -16.31
N TYR A 103 19.41 -15.52 -17.32
CA TYR A 103 17.97 -15.82 -17.39
C TYR A 103 17.57 -16.69 -18.58
N ASP A 104 16.43 -17.37 -18.45
CA ASP A 104 15.90 -18.17 -19.55
C ASP A 104 14.67 -17.42 -20.06
N PHE A 105 14.63 -17.16 -21.35
CA PHE A 105 13.49 -16.50 -21.94
C PHE A 105 12.75 -17.63 -22.63
N ILE A 106 11.77 -18.17 -21.91
CA ILE A 106 10.98 -19.31 -22.33
C ILE A 106 9.62 -18.94 -22.91
N SER A 107 9.40 -19.31 -24.17
CA SER A 107 8.12 -19.03 -24.82
C SER A 107 7.11 -20.03 -24.25
N VAL A 108 5.92 -19.56 -23.92
CA VAL A 108 4.91 -20.45 -23.35
C VAL A 108 3.71 -20.61 -24.28
N GLY A 109 3.83 -20.11 -25.51
CA GLY A 109 2.75 -20.23 -26.47
C GLY A 109 2.05 -18.93 -26.81
N ARG A 110 0.76 -19.01 -27.12
CA ARG A 110 -0.01 -17.82 -27.47
C ARG A 110 -1.40 -17.82 -26.81
N THR A 111 -2.01 -16.65 -26.70
CA THR A 111 -3.34 -16.51 -26.10
C THR A 111 -3.88 -15.13 -26.38
N ARG A 112 -5.12 -14.87 -25.97
CA ARG A 112 -5.73 -13.56 -26.17
C ARG A 112 -5.66 -12.68 -24.92
N ILE A 113 -5.58 -11.38 -25.15
CA ILE A 113 -5.58 -10.37 -24.09
C ILE A 113 -6.15 -9.14 -24.75
N ALA A 114 -7.22 -8.57 -24.18
CA ALA A 114 -7.84 -7.39 -24.76
C ALA A 114 -8.18 -7.64 -26.23
N ASP A 115 -8.73 -8.82 -26.48
CA ASP A 115 -9.13 -9.23 -27.82
C ASP A 115 -7.96 -9.26 -28.83
N ARG A 116 -6.74 -9.40 -28.33
CA ARG A 116 -5.58 -9.44 -29.21
C ARG A 116 -4.73 -10.68 -28.96
N LEU A 117 -4.06 -11.12 -30.01
CA LEU A 117 -3.21 -12.29 -29.92
C LEU A 117 -1.92 -11.89 -29.24
N CYS A 118 -1.37 -12.78 -28.43
CA CYS A 118 -0.14 -12.45 -27.72
C CYS A 118 0.84 -13.59 -27.58
N GLU A 119 2.12 -13.25 -27.64
CA GLU A 119 3.17 -14.22 -27.45
C GLU A 119 3.38 -14.25 -25.94
N VAL A 120 3.34 -15.44 -25.36
CA VAL A 120 3.51 -15.57 -23.92
C VAL A 120 4.92 -16.02 -23.58
N ILE A 121 5.66 -15.15 -22.91
CA ILE A 121 7.04 -15.45 -22.58
C ILE A 121 7.29 -15.39 -21.08
N ARG A 122 8.09 -16.34 -20.60
CA ARG A 122 8.42 -16.43 -19.18
C ARG A 122 9.88 -16.01 -19.03
N VAL A 123 10.16 -15.06 -18.14
CA VAL A 123 11.52 -14.58 -17.89
C VAL A 123 11.90 -15.10 -16.51
N VAL A 124 12.89 -16.00 -16.48
CA VAL A 124 13.30 -16.66 -15.24
C VAL A 124 14.79 -16.68 -14.98
N ALA A 125 15.19 -16.37 -13.74
CA ALA A 125 16.60 -16.41 -13.36
C ALA A 125 16.96 -17.86 -13.04
N ARG A 126 17.96 -18.38 -13.74
CA ARG A 126 18.42 -19.76 -13.60
C ARG A 126 18.92 -20.18 -12.22
N ASP A 127 19.49 -19.26 -11.45
CA ASP A 127 19.99 -19.60 -10.13
C ASP A 127 18.91 -19.77 -9.04
N GLY A 128 17.65 -19.52 -9.39
CA GLY A 128 16.56 -19.67 -8.43
C GLY A 128 16.54 -18.70 -7.24
N THR A 129 17.35 -17.65 -7.31
CA THR A 129 17.42 -16.66 -6.25
C THR A 129 16.44 -15.50 -6.43
N ARG A 130 15.77 -15.44 -7.59
CA ARG A 130 14.90 -14.31 -7.87
C ARG A 130 13.47 -14.56 -8.28
N TYR A 131 12.72 -13.48 -8.30
CA TYR A 131 11.34 -13.55 -8.74
C TYR A 131 11.38 -13.77 -10.22
N SER A 132 10.26 -14.13 -10.81
CA SER A 132 10.25 -14.29 -12.25
C SER A 132 9.08 -13.44 -12.81
N TYR A 133 9.01 -13.34 -14.12
CA TYR A 133 7.96 -12.60 -14.81
C TYR A 133 7.35 -13.45 -15.92
N ILE A 134 6.15 -13.08 -16.32
CA ILE A 134 5.46 -13.72 -17.42
C ILE A 134 5.03 -12.53 -18.24
N VAL A 135 5.22 -12.60 -19.55
CA VAL A 135 4.86 -11.50 -20.43
C VAL A 135 3.93 -11.93 -21.55
N TRP A 136 2.88 -11.16 -21.76
CA TRP A 136 1.93 -11.39 -22.85
C TRP A 136 2.24 -10.23 -23.78
N MET A 137 2.78 -10.54 -24.95
CA MET A 137 3.16 -9.52 -25.94
C MET A 137 2.19 -9.49 -27.12
N ASP A 138 1.78 -8.29 -27.51
CA ASP A 138 0.87 -8.16 -28.64
C ASP A 138 1.61 -8.54 -29.92
N THR A 139 1.30 -9.71 -30.48
CA THR A 139 1.95 -10.20 -31.70
C THR A 139 2.25 -9.15 -32.78
N GLU A 140 1.26 -8.33 -33.10
CA GLU A 140 1.43 -7.32 -34.12
C GLU A 140 2.37 -6.17 -33.78
N SER A 141 2.06 -5.44 -32.71
CA SER A 141 2.87 -4.28 -32.30
C SER A 141 4.00 -4.56 -31.32
N LYS A 142 4.01 -5.71 -30.70
CA LYS A 142 5.05 -6.06 -29.72
C LYS A 142 4.87 -5.36 -28.37
N LEU A 143 3.86 -4.49 -28.25
CA LEU A 143 3.64 -3.80 -26.99
C LEU A 143 3.15 -4.79 -25.93
N PRO A 144 3.54 -4.59 -24.67
CA PRO A 144 3.11 -5.50 -23.60
C PRO A 144 1.61 -5.39 -23.36
N MET A 145 0.93 -6.52 -23.29
CA MET A 145 -0.51 -6.56 -23.04
C MET A 145 -0.78 -6.99 -21.60
N ARG A 146 0.14 -7.77 -21.03
CA ARG A 146 0.02 -8.19 -19.64
C ARG A 146 1.35 -8.64 -19.10
N VAL A 147 1.58 -8.33 -17.83
CA VAL A 147 2.80 -8.70 -17.17
C VAL A 147 2.53 -9.11 -15.74
N ASP A 148 3.02 -10.27 -15.35
CA ASP A 148 2.84 -10.77 -14.00
C ASP A 148 4.17 -10.96 -13.30
N LEU A 149 4.31 -10.33 -12.15
CA LEU A 149 5.51 -10.51 -11.33
C LEU A 149 5.13 -11.72 -10.45
N LEU A 150 5.94 -12.75 -10.44
CA LEU A 150 5.63 -13.92 -9.63
C LEU A 150 6.69 -14.17 -8.58
N ASP A 151 6.29 -14.61 -7.39
CA ASP A 151 7.31 -14.92 -6.40
C ASP A 151 7.80 -16.33 -6.76
N ARG A 152 8.82 -16.81 -6.05
CA ARG A 152 9.38 -18.13 -6.33
C ARG A 152 8.36 -19.26 -6.34
N ASP A 153 7.30 -19.14 -5.52
CA ASP A 153 6.27 -20.16 -5.47
C ASP A 153 5.25 -20.07 -6.59
N GLY A 154 5.40 -19.07 -7.47
CA GLY A 154 4.46 -18.92 -8.58
C GLY A 154 3.25 -18.03 -8.32
N GLU A 155 3.14 -17.48 -7.11
CA GLU A 155 2.01 -16.63 -6.78
C GLU A 155 2.23 -15.23 -7.38
N THR A 156 1.16 -14.58 -7.81
CA THR A 156 1.29 -13.26 -8.41
C THR A 156 1.48 -12.16 -7.37
N LEU A 157 2.56 -11.41 -7.50
CA LEU A 157 2.82 -10.32 -6.58
C LEU A 157 2.30 -9.01 -7.19
N GLU A 158 2.11 -9.00 -8.50
CA GLU A 158 1.65 -7.79 -9.17
C GLU A 158 1.28 -8.09 -10.61
N GLN A 159 0.25 -7.43 -11.10
CA GLN A 159 -0.14 -7.66 -12.47
C GLN A 159 -0.49 -6.35 -13.15
N PHE A 160 0.02 -6.26 -14.37
CA PHE A 160 -0.21 -5.16 -15.27
C PHE A 160 -1.06 -5.81 -16.35
N ARG A 161 -2.19 -5.21 -16.71
CA ARG A 161 -3.01 -5.78 -17.77
C ARG A 161 -3.70 -4.69 -18.62
N VAL A 162 -3.46 -4.73 -19.93
CA VAL A 162 -4.06 -3.76 -20.85
C VAL A 162 -5.53 -4.10 -21.05
N ILE A 163 -6.38 -3.08 -21.08
CA ILE A 163 -7.82 -3.27 -21.24
C ILE A 163 -8.25 -2.66 -22.56
N ALA A 164 -7.76 -1.46 -22.81
CA ALA A 164 -8.06 -0.74 -24.04
C ALA A 164 -6.71 -0.39 -24.66
N PHE A 165 -6.60 -0.63 -25.96
CA PHE A 165 -5.36 -0.44 -26.70
C PHE A 165 -5.49 0.35 -28.01
N ASN A 166 -4.45 1.10 -28.34
CA ASN A 166 -4.43 1.85 -29.59
C ASN A 166 -3.03 2.33 -29.97
N VAL A 167 -2.65 2.04 -31.21
CA VAL A 167 -1.36 2.45 -31.73
C VAL A 167 -1.62 3.47 -32.85
N ASN A 168 -1.09 4.68 -32.66
CA ASN A 168 -1.30 5.77 -33.62
C ASN A 168 -0.09 6.16 -34.47
N GLN A 169 -0.32 6.31 -35.77
CA GLN A 169 0.74 6.69 -36.71
C GLN A 169 1.15 8.14 -36.50
N ASP A 170 0.22 8.95 -36.00
CA ASP A 170 0.48 10.37 -35.75
C ASP A 170 0.60 10.63 -34.24
N ILE A 171 1.12 11.80 -33.90
CA ILE A 171 1.23 12.18 -32.49
C ILE A 171 -0.03 12.95 -32.09
N SER A 172 -0.79 12.38 -31.18
CA SER A 172 -2.04 13.00 -30.69
C SER A 172 -1.87 14.47 -30.32
N SER A 173 -3.00 15.14 -30.13
CA SER A 173 -3.06 16.54 -29.76
C SER A 173 -2.51 16.79 -28.35
N SER A 174 -2.76 15.84 -27.44
CA SER A 174 -2.30 15.97 -26.06
C SER A 174 -0.78 15.80 -25.93
N MET A 175 -0.19 14.91 -26.71
CA MET A 175 1.26 14.72 -26.64
C MET A 175 1.90 15.99 -27.20
N GLN A 176 1.27 16.56 -28.22
CA GLN A 176 1.75 17.80 -28.83
C GLN A 176 1.68 18.90 -27.78
N THR A 177 0.49 19.08 -27.21
CA THR A 177 0.28 20.08 -26.16
C THR A 177 1.36 19.90 -25.09
N LEU A 178 1.88 18.68 -24.97
CA LEU A 178 2.92 18.37 -23.99
C LEU A 178 4.29 18.65 -24.59
N ALA A 179 4.44 18.35 -25.88
CA ALA A 179 5.70 18.54 -26.60
C ALA A 179 6.32 19.92 -26.42
N LYS A 180 5.60 20.82 -25.75
CA LYS A 180 6.10 22.17 -25.49
C LYS A 180 5.10 22.93 -24.65
N ALA A 181 5.31 22.96 -23.34
CA ALA A 181 4.42 23.67 -22.44
C ALA A 181 5.15 24.23 -21.23
N ASN A 182 4.38 24.84 -20.34
CA ASN A 182 4.92 25.43 -19.12
C ASN A 182 5.34 24.31 -18.17
N LEU A 183 6.50 23.71 -18.43
CA LEU A 183 6.98 22.63 -17.58
C LEU A 183 7.66 23.18 -16.34
N PRO A 184 7.09 22.92 -15.16
CA PRO A 184 7.61 23.38 -13.87
C PRO A 184 9.11 23.21 -13.68
N PRO A 185 9.68 23.91 -12.69
CA PRO A 185 11.12 23.82 -12.41
C PRO A 185 11.37 22.61 -11.51
N LEU A 186 12.62 22.37 -11.17
CA LEU A 186 12.97 21.23 -10.33
C LEU A 186 13.04 21.58 -8.85
N LYS A 194 31.01 7.69 -5.29
CA LYS A 194 32.06 7.70 -4.28
C LYS A 194 31.44 7.67 -2.89
N ALA A 195 32.13 7.03 -1.95
CA ALA A 195 31.65 6.94 -0.57
C ALA A 195 32.60 6.13 0.32
N LYS A 196 32.90 4.90 -0.09
CA LYS A 196 33.79 4.02 0.67
C LYS A 196 33.22 3.65 2.04
N PHE A 197 32.85 2.38 2.17
CA PHE A 197 32.27 1.89 3.41
C PHE A 197 33.18 0.82 4.00
N SER A 198 32.98 0.54 5.28
CA SER A 198 33.77 -0.46 5.96
C SER A 198 33.21 -1.87 5.72
N TRP A 199 32.15 -1.96 4.94
CA TRP A 199 31.54 -3.27 4.66
C TRP A 199 31.37 -3.65 3.19
N THR A 200 31.18 -4.95 2.95
CA THR A 200 31.02 -5.48 1.60
C THR A 200 30.16 -6.75 1.58
N PRO A 201 29.12 -6.79 0.73
CA PRO A 201 28.29 -7.99 0.69
C PRO A 201 29.05 -9.11 0.00
N THR A 202 29.61 -10.02 0.78
CA THR A 202 30.37 -11.13 0.21
C THR A 202 29.57 -12.02 -0.74
N TRP A 203 28.25 -12.06 -0.57
CA TRP A 203 27.47 -12.90 -1.48
C TRP A 203 26.41 -12.13 -2.22
N LEU A 204 26.33 -12.37 -3.53
CA LEU A 204 25.34 -11.71 -4.37
C LEU A 204 24.90 -12.67 -5.47
N PRO A 205 23.61 -12.67 -5.81
CA PRO A 205 23.17 -13.56 -6.88
C PRO A 205 23.93 -13.13 -8.15
N GLN A 206 24.27 -14.08 -9.01
CA GLN A 206 24.99 -13.77 -10.25
C GLN A 206 24.23 -12.76 -11.09
N GLY A 207 24.90 -11.68 -11.50
CA GLY A 207 24.28 -10.67 -12.35
C GLY A 207 24.04 -9.31 -11.73
N PHE A 208 23.98 -9.24 -10.41
CA PHE A 208 23.76 -7.97 -9.72
C PHE A 208 25.05 -7.17 -9.62
N SER A 209 24.93 -5.86 -9.83
CA SER A 209 26.09 -4.99 -9.75
C SER A 209 25.73 -3.73 -8.97
N GLU A 210 26.72 -3.17 -8.30
CA GLU A 210 26.50 -1.96 -7.53
C GLU A 210 26.29 -0.78 -8.46
N VAL A 211 25.14 -0.13 -8.33
CA VAL A 211 24.79 1.03 -9.15
C VAL A 211 25.22 2.33 -8.47
N SER A 212 25.11 2.38 -7.14
CA SER A 212 25.51 3.57 -6.40
C SER A 212 25.80 3.25 -4.95
N SER A 213 26.21 4.28 -4.22
CA SER A 213 26.54 4.18 -2.80
C SER A 213 26.36 5.57 -2.23
N SER A 214 25.95 5.64 -0.97
CA SER A 214 25.76 6.93 -0.34
C SER A 214 25.67 6.85 1.16
N ARG A 215 26.33 7.79 1.82
CA ARG A 215 26.27 7.87 3.26
C ARG A 215 25.48 9.14 3.56
N ARG A 216 24.43 9.00 4.36
CA ARG A 216 23.61 10.15 4.71
C ARG A 216 23.20 10.03 6.16
N PRO A 217 22.86 11.16 6.80
CA PRO A 217 22.44 11.13 8.20
C PRO A 217 20.94 10.85 8.31
N LEU A 218 20.57 9.96 9.21
CA LEU A 218 19.16 9.63 9.42
C LEU A 218 18.47 10.84 10.04
N PRO A 219 17.13 10.97 9.86
CA PRO A 219 16.41 12.12 10.42
C PRO A 219 16.18 12.02 11.92
N THR A 220 17.24 11.67 12.66
CA THR A 220 17.16 11.56 14.12
C THR A 220 17.74 12.79 14.78
N MET A 221 17.78 12.77 16.11
CA MET A 221 18.31 13.88 16.89
C MET A 221 19.84 13.92 16.86
N ASP A 222 20.46 12.75 16.74
CA ASP A 222 21.92 12.67 16.71
C ASP A 222 22.46 12.49 15.29
N ASN A 223 21.61 12.74 14.29
CA ASN A 223 21.99 12.63 12.88
C ASN A 223 22.76 11.34 12.62
N MET A 224 22.24 10.22 13.12
CA MET A 224 22.87 8.92 12.95
C MET A 224 23.11 8.62 11.47
N PRO A 225 24.35 8.22 11.12
CA PRO A 225 24.71 7.91 9.74
C PRO A 225 24.25 6.54 9.27
N ILE A 226 23.82 6.47 8.02
CA ILE A 226 23.39 5.21 7.43
C ILE A 226 24.07 5.12 6.08
N GLU A 227 24.63 3.95 5.76
CA GLU A 227 25.29 3.77 4.48
C GLU A 227 24.42 2.92 3.54
N SER A 228 24.35 3.32 2.27
CA SER A 228 23.53 2.60 1.31
C SER A 228 24.23 2.18 0.03
N ARG A 229 23.90 0.98 -0.42
CA ARG A 229 24.44 0.42 -1.67
C ARG A 229 23.25 -0.08 -2.51
N LEU A 230 23.04 0.54 -3.66
CA LEU A 230 21.96 0.16 -4.58
C LEU A 230 22.54 -0.84 -5.58
N TYR A 231 21.85 -1.96 -5.75
CA TYR A 231 22.25 -3.03 -6.67
C TYR A 231 21.18 -3.30 -7.70
N SER A 232 21.60 -3.81 -8.85
CA SER A 232 20.68 -4.14 -9.93
C SER A 232 21.34 -5.14 -10.87
N ASP A 233 20.54 -6.02 -11.46
CA ASP A 233 21.05 -7.00 -12.41
C ASP A 233 20.50 -6.60 -13.76
N GLY A 234 19.92 -5.40 -13.83
CA GLY A 234 19.34 -4.90 -15.05
C GLY A 234 17.82 -4.96 -15.10
N LEU A 235 17.20 -5.75 -14.23
CA LEU A 235 15.75 -5.89 -14.21
C LEU A 235 15.20 -5.68 -12.81
N PHE A 236 15.80 -6.36 -11.83
CA PHE A 236 15.42 -6.26 -10.42
C PHE A 236 16.42 -5.37 -9.68
N SER A 237 15.97 -4.71 -8.63
CA SER A 237 16.85 -3.86 -7.84
C SER A 237 16.52 -3.97 -6.36
N PHE A 238 17.49 -3.60 -5.53
CA PHE A 238 17.31 -3.63 -4.08
C PHE A 238 18.49 -2.87 -3.52
N SER A 239 18.36 -2.36 -2.31
CA SER A 239 19.44 -1.64 -1.68
C SER A 239 19.82 -2.34 -0.37
N VAL A 240 21.08 -2.19 0.03
CA VAL A 240 21.54 -2.75 1.28
C VAL A 240 21.91 -1.55 2.14
N ASN A 241 21.18 -1.35 3.25
CA ASN A 241 21.48 -0.21 4.10
C ASN A 241 22.00 -0.66 5.46
N VAL A 242 23.04 0.02 5.92
CA VAL A 242 23.67 -0.28 7.18
C VAL A 242 23.84 0.94 8.08
N ASN A 243 23.26 0.88 9.27
CA ASN A 243 23.41 1.95 10.24
C ASN A 243 23.87 1.33 11.54
N ARG A 244 24.38 2.16 12.44
CA ARG A 244 24.86 1.74 13.74
C ARG A 244 23.76 0.95 14.45
N ALA A 245 24.08 -0.22 15.00
CA ALA A 245 23.06 -1.01 15.69
C ALA A 245 22.54 -0.27 16.92
N THR A 246 21.22 -0.18 17.01
CA THR A 246 20.51 0.50 18.11
C THR A 246 20.04 -0.56 19.13
N PRO A 247 19.86 -0.15 20.40
CA PRO A 247 19.40 -1.17 21.34
C PRO A 247 17.99 -1.59 20.94
N SER A 248 17.38 -0.77 20.08
CA SER A 248 16.03 -0.99 19.58
C SER A 248 16.03 -1.72 18.24
N SER A 249 17.19 -2.24 17.83
CA SER A 249 17.30 -2.95 16.55
C SER A 249 17.01 -4.44 16.66
N THR A 250 16.14 -4.95 15.79
CA THR A 250 15.77 -6.37 15.79
C THR A 250 15.52 -6.93 14.39
N ASP A 251 15.62 -8.25 14.27
CA ASP A 251 15.40 -8.91 12.99
C ASP A 251 13.94 -8.83 12.61
N GLN A 252 13.69 -8.52 11.34
CA GLN A 252 12.35 -8.41 10.81
C GLN A 252 12.34 -8.84 9.36
N MET A 253 11.15 -9.18 8.87
CA MET A 253 10.96 -9.58 7.48
C MET A 253 9.54 -9.24 7.13
N LEU A 254 9.38 -8.30 6.22
CA LEU A 254 8.07 -7.87 5.78
C LEU A 254 8.05 -7.81 4.26
N ARG A 255 7.08 -8.48 3.66
CA ARG A 255 6.99 -8.42 2.22
C ARG A 255 5.59 -7.96 1.85
N THR A 256 5.55 -7.08 0.85
CA THR A 256 4.29 -6.55 0.36
C THR A 256 4.52 -6.25 -1.11
N GLY A 257 4.03 -7.18 -1.94
CA GLY A 257 4.19 -7.06 -3.36
C GLY A 257 5.67 -7.16 -3.69
N ARG A 258 6.15 -6.34 -4.62
CA ARG A 258 7.55 -6.38 -4.98
C ARG A 258 8.50 -5.78 -3.93
N ARG A 259 7.98 -5.39 -2.77
CA ARG A 259 8.84 -4.83 -1.72
C ARG A 259 9.12 -5.73 -0.53
N THR A 260 10.37 -6.12 -0.39
CA THR A 260 10.78 -6.94 0.72
C THR A 260 11.65 -6.05 1.58
N VAL A 261 11.39 -6.07 2.89
CA VAL A 261 12.15 -5.30 3.85
C VAL A 261 12.71 -6.30 4.84
N SER A 262 14.01 -6.57 4.71
CA SER A 262 14.67 -7.52 5.59
C SER A 262 15.63 -6.77 6.49
N THR A 263 15.53 -7.02 7.79
CA THR A 263 16.40 -6.36 8.76
C THR A 263 17.09 -7.43 9.60
N SER A 264 18.41 -7.36 9.65
CA SER A 264 19.19 -8.31 10.43
C SER A 264 20.06 -7.48 11.36
N VAL A 265 20.53 -8.10 12.44
CA VAL A 265 21.38 -7.41 13.39
C VAL A 265 22.55 -8.27 13.77
N ARG A 266 23.74 -7.81 13.40
CA ARG A 266 24.97 -8.53 13.71
C ARG A 266 26.14 -7.58 13.75
N ASP A 267 27.21 -8.01 14.40
CA ASP A 267 28.44 -7.23 14.48
C ASP A 267 28.21 -5.75 14.77
N ASN A 268 27.21 -5.46 15.60
CA ASN A 268 26.90 -4.08 15.99
C ASN A 268 26.30 -3.25 14.84
N ALA A 269 25.68 -3.92 13.87
CA ALA A 269 25.07 -3.20 12.76
C ALA A 269 23.68 -3.68 12.40
N GLU A 270 22.79 -2.71 12.14
CA GLU A 270 21.40 -2.96 11.73
C GLU A 270 21.43 -2.96 10.19
N ILE A 271 21.25 -4.14 9.61
CA ILE A 271 21.27 -4.31 8.16
C ILE A 271 19.85 -4.38 7.58
N THR A 272 19.52 -3.43 6.70
CA THR A 272 18.21 -3.38 6.06
C THR A 272 18.29 -3.50 4.54
N ILE A 273 17.72 -4.59 4.02
CA ILE A 273 17.67 -4.90 2.61
C ILE A 273 16.26 -4.53 2.13
N VAL A 274 16.18 -3.63 1.16
CA VAL A 274 14.89 -3.17 0.62
C VAL A 274 14.89 -3.35 -0.88
N GLY A 275 13.90 -4.05 -1.41
CA GLY A 275 13.86 -4.26 -2.85
C GLY A 275 13.07 -5.45 -3.33
N GLU A 276 13.27 -5.79 -4.60
CA GLU A 276 12.54 -6.89 -5.22
C GLU A 276 13.25 -8.23 -5.08
N LEU A 277 13.28 -8.77 -3.87
CA LEU A 277 13.96 -10.03 -3.65
C LEU A 277 13.20 -11.00 -2.77
N PRO A 278 13.27 -12.30 -3.10
CA PRO A 278 12.58 -13.28 -2.28
C PRO A 278 13.19 -13.09 -0.89
N PRO A 279 12.38 -13.25 0.18
CA PRO A 279 12.90 -13.07 1.54
C PRO A 279 14.19 -13.83 1.82
N GLN A 280 14.29 -15.02 1.26
CA GLN A 280 15.48 -15.88 1.45
C GLN A 280 16.77 -15.33 0.82
N THR A 281 16.66 -14.73 -0.36
CA THR A 281 17.84 -14.19 -1.02
C THR A 281 18.32 -13.01 -0.17
N ALA A 282 17.36 -12.21 0.31
CA ALA A 282 17.69 -11.04 1.11
C ALA A 282 18.42 -11.41 2.39
N LYS A 283 17.94 -12.43 3.08
CA LYS A 283 18.57 -12.87 4.31
C LYS A 283 19.97 -13.33 4.04
N ARG A 284 20.14 -14.09 2.97
CA ARG A 284 21.46 -14.58 2.65
C ARG A 284 22.43 -13.45 2.36
N ILE A 285 21.99 -12.43 1.63
CA ILE A 285 22.86 -11.30 1.33
C ILE A 285 23.26 -10.66 2.65
N ALA A 286 22.30 -10.49 3.54
CA ALA A 286 22.59 -9.88 4.84
C ALA A 286 23.58 -10.73 5.65
N GLU A 287 23.31 -12.02 5.76
CA GLU A 287 24.17 -12.90 6.53
C GLU A 287 25.58 -13.03 5.98
N ASN A 288 25.79 -12.59 4.74
CA ASN A 288 27.12 -12.73 4.14
C ASN A 288 27.91 -11.45 4.00
N ILE A 289 27.48 -10.40 4.68
CA ILE A 289 28.21 -9.14 4.61
C ILE A 289 29.34 -9.16 5.63
N LYS A 290 30.56 -8.93 5.14
CA LYS A 290 31.75 -8.91 5.99
C LYS A 290 32.15 -7.48 6.33
N PHE A 291 32.94 -7.35 7.39
CA PHE A 291 33.41 -6.04 7.84
C PHE A 291 34.94 -6.03 7.95
N GLY A 292 35.57 -5.07 7.27
CA GLY A 292 37.01 -4.93 7.27
C GLY A 292 37.84 -6.17 6.95
N ALA A 293 39.05 -6.20 7.49
CA ALA A 293 39.98 -7.31 7.28
C ALA A 293 40.00 -7.80 5.83
N ALA B 6 10.10 17.41 41.80
CA ALA B 6 10.49 18.34 40.71
C ALA B 6 11.84 18.99 41.00
N LEU B 7 12.92 18.25 40.74
CA LEU B 7 14.27 18.76 40.97
C LEU B 7 15.34 17.91 40.32
N LEU B 8 15.01 17.31 39.19
CA LEU B 8 15.94 16.48 38.45
C LEU B 8 17.08 17.35 37.92
N GLN B 9 16.79 18.63 37.76
CA GLN B 9 17.77 19.58 37.25
C GLN B 9 19.14 19.32 37.88
N GLN B 10 19.12 18.87 39.13
CA GLN B 10 20.34 18.57 39.85
C GLN B 10 21.02 17.40 39.16
N MET B 11 20.30 16.29 39.05
CA MET B 11 20.81 15.10 38.39
C MET B 11 21.38 15.51 37.04
N ASN B 12 20.71 16.47 36.41
CA ASN B 12 21.11 17.01 35.12
C ASN B 12 22.49 17.66 35.20
N LEU B 13 22.65 18.57 36.15
CA LEU B 13 23.90 19.30 36.35
C LEU B 13 25.02 18.41 36.90
N ALA B 14 24.66 17.50 37.80
CA ALA B 14 25.62 16.60 38.42
C ALA B 14 26.21 15.63 37.41
N SER B 15 25.40 15.23 36.44
CA SER B 15 25.83 14.29 35.42
C SER B 15 26.81 14.95 34.45
N GLN B 16 26.60 16.24 34.17
CA GLN B 16 27.45 17.00 33.25
C GLN B 16 28.58 17.75 33.97
N SER B 17 28.31 18.19 35.20
CA SER B 17 29.29 18.93 36.00
C SER B 17 29.75 18.14 37.22
N LEU B 18 30.55 17.11 36.98
CA LEU B 18 31.08 16.24 38.03
C LEU B 18 31.88 15.14 37.37
N ASN B 19 32.72 14.45 38.14
CA ASN B 19 33.52 13.36 37.60
C ASN B 19 33.02 12.07 38.21
N TYR B 20 32.92 11.01 37.39
CA TYR B 20 32.42 9.73 37.89
C TYR B 20 32.62 8.52 36.99
N GLU B 21 32.08 7.39 37.47
CA GLU B 21 32.14 6.12 36.76
C GLU B 21 30.93 5.28 37.14
N LEU B 22 30.33 4.64 36.15
CA LEU B 22 29.15 3.80 36.37
C LEU B 22 29.34 2.49 35.66
N SER B 23 29.18 1.39 36.37
CA SER B 23 29.33 0.05 35.79
C SER B 23 27.92 -0.54 35.60
N PHE B 24 27.07 0.19 34.88
CA PHE B 24 25.68 -0.19 34.63
C PHE B 24 25.38 -1.24 33.57
N ILE B 25 24.14 -1.70 33.58
CA ILE B 25 23.66 -2.70 32.62
C ILE B 25 22.48 -2.08 31.88
N SER B 26 22.17 -2.63 30.71
CA SER B 26 21.05 -2.15 29.94
C SER B 26 20.22 -3.38 29.56
N ILE B 27 18.94 -3.35 29.94
CA ILE B 27 18.02 -4.46 29.68
C ILE B 27 16.91 -4.02 28.75
N ASN B 28 16.64 -4.84 27.75
CA ASN B 28 15.59 -4.60 26.76
C ASN B 28 15.06 -5.97 26.32
N LYS B 29 14.20 -6.00 25.30
CA LYS B 29 13.65 -7.28 24.85
C LYS B 29 14.65 -8.19 24.14
N GLN B 30 15.83 -7.66 23.83
CA GLN B 30 16.87 -8.47 23.18
C GLN B 30 18.17 -8.50 23.99
N GLY B 31 18.08 -8.99 25.23
CA GLY B 31 19.26 -9.12 26.06
C GLY B 31 19.55 -8.05 27.11
N VAL B 32 20.54 -8.37 27.95
CA VAL B 32 20.98 -7.48 29.00
C VAL B 32 22.48 -7.34 28.80
N GLU B 33 22.95 -6.14 28.51
CA GLU B 33 24.39 -5.95 28.30
C GLU B 33 25.13 -5.16 29.40
N SER B 34 26.36 -5.58 29.64
CA SER B 34 27.23 -4.97 30.64
C SER B 34 28.01 -3.83 30.00
N LEU B 35 27.85 -2.61 30.53
CA LEU B 35 28.55 -1.44 30.00
C LEU B 35 29.37 -0.70 31.07
N ARG B 36 29.63 0.59 30.84
CA ARG B 36 30.39 1.45 31.76
C ARG B 36 30.57 2.86 31.17
N TYR B 37 30.25 3.89 31.94
CA TYR B 37 30.36 5.28 31.47
C TYR B 37 31.14 6.19 32.41
N ARG B 38 32.08 6.96 31.84
CA ARG B 38 32.93 7.89 32.61
C ARG B 38 32.68 9.33 32.14
N HIS B 39 32.71 10.28 33.07
CA HIS B 39 32.47 11.68 32.71
C HIS B 39 33.40 12.65 33.42
N ALA B 40 33.50 13.86 32.88
CA ALA B 40 34.34 14.91 33.43
C ALA B 40 34.11 16.22 32.68
N ARG B 41 34.81 17.29 33.07
CA ARG B 41 34.64 18.58 32.40
C ARG B 41 35.76 19.56 32.76
N LEU B 42 36.85 19.54 31.99
CA LEU B 42 37.98 20.44 32.23
C LEU B 42 37.61 21.89 31.95
N ASP B 43 38.08 22.45 30.84
CA ASP B 43 37.79 23.84 30.48
C ASP B 43 36.34 23.98 30.02
N ASN B 44 35.43 23.37 30.78
CA ASN B 44 33.99 23.39 30.47
C ASN B 44 33.68 22.41 29.34
N ARG B 45 34.67 21.63 28.94
CA ARG B 45 34.49 20.64 27.88
C ARG B 45 34.33 19.27 28.52
N PRO B 46 33.25 18.55 28.19
CA PRO B 46 33.02 17.23 28.76
C PRO B 46 33.88 16.09 28.20
N LEU B 47 34.02 15.04 29.00
CA LEU B 47 34.78 13.84 28.65
C LEU B 47 33.93 12.61 28.97
N ALA B 48 33.75 11.73 28.00
CA ALA B 48 32.94 10.51 28.21
C ALA B 48 33.67 9.26 27.73
N GLN B 49 33.11 8.09 28.04
CA GLN B 49 33.73 6.82 27.63
C GLN B 49 32.81 5.62 27.93
N LEU B 50 32.28 5.00 26.88
CA LEU B 50 31.39 3.84 27.03
C LEU B 50 32.06 2.56 26.53
N LEU B 51 32.06 1.51 27.35
CA LEU B 51 32.72 0.27 26.97
C LEU B 51 31.87 -0.99 27.14
N GLN B 52 32.09 -1.97 26.26
CA GLN B 52 31.37 -3.24 26.28
C GLN B 52 32.27 -4.26 26.97
N MET B 53 31.87 -4.64 28.18
CA MET B 53 32.63 -5.57 29.00
C MET B 53 32.61 -7.01 28.52
N ASP B 54 31.63 -7.35 27.70
CA ASP B 54 31.54 -8.71 27.20
C ASP B 54 31.87 -8.73 25.70
N GLY B 55 32.60 -9.75 25.26
CA GLY B 55 32.97 -9.84 23.87
C GLY B 55 33.88 -8.71 23.41
N PRO B 56 33.72 -8.25 22.14
CA PRO B 56 34.49 -7.18 21.50
C PRO B 56 34.60 -5.89 22.31
N ARG B 57 35.83 -5.43 22.52
CA ARG B 57 36.08 -4.22 23.28
C ARG B 57 35.63 -2.96 22.55
N ARG B 58 34.34 -2.89 22.18
CA ARG B 58 33.85 -1.71 21.48
C ARG B 58 33.96 -0.51 22.40
N GLU B 59 34.27 0.66 21.85
CA GLU B 59 34.39 1.87 22.65
C GLU B 59 33.78 3.07 21.96
N VAL B 60 33.54 4.13 22.74
CA VAL B 60 32.98 5.38 22.23
C VAL B 60 33.42 6.47 23.22
N VAL B 61 33.82 7.62 22.70
CA VAL B 61 34.27 8.71 23.57
C VAL B 61 33.73 10.08 23.16
N GLN B 62 33.57 10.98 24.13
CA GLN B 62 33.10 12.32 23.84
C GLN B 62 34.21 13.33 24.13
N ARG B 63 34.10 14.51 23.52
CA ARG B 63 35.06 15.59 23.67
C ARG B 63 34.46 16.82 23.03
N GLY B 64 33.92 17.72 23.85
CA GLY B 64 33.30 18.91 23.30
C GLY B 64 32.15 18.48 22.41
N ASN B 65 32.43 18.35 21.11
CA ASN B 65 31.44 17.92 20.14
C ASN B 65 32.11 16.95 19.19
N GLU B 66 33.06 16.17 19.71
CA GLU B 66 33.81 15.23 18.90
C GLU B 66 33.73 13.79 19.38
N ILE B 67 32.58 13.15 19.19
CA ILE B 67 32.41 11.75 19.60
C ILE B 67 33.12 10.86 18.58
N SER B 68 33.92 9.91 19.07
CA SER B 68 34.66 9.01 18.18
C SER B 68 34.39 7.55 18.51
N TYR B 69 34.32 6.71 17.48
CA TYR B 69 34.05 5.27 17.64
C TYR B 69 35.24 4.39 17.35
N PHE B 70 35.40 3.34 18.15
CA PHE B 70 36.52 2.42 17.99
C PHE B 70 36.06 1.05 18.40
N GLU B 71 36.65 0.03 17.79
CA GLU B 71 36.35 -1.36 18.11
C GLU B 71 37.30 -2.28 17.33
N PRO B 72 37.53 -3.50 17.84
CA PRO B 72 38.42 -4.46 17.18
C PRO B 72 38.14 -4.70 15.72
N GLY B 73 39.20 -4.71 14.90
CA GLY B 73 39.07 -4.97 13.48
C GLY B 73 38.47 -3.90 12.58
N LEU B 74 38.27 -2.69 13.09
CA LEU B 74 37.70 -1.62 12.26
C LEU B 74 38.46 -0.31 12.32
N GLU B 75 38.24 0.51 11.29
CA GLU B 75 38.89 1.80 11.19
C GLU B 75 38.13 2.85 12.02
N PRO B 76 38.81 3.49 12.98
CA PRO B 76 38.18 4.50 13.83
C PRO B 76 37.49 5.59 13.02
N PHE B 77 36.92 6.57 13.72
CA PHE B 77 36.24 7.67 13.06
C PHE B 77 35.50 8.54 14.07
N THR B 78 35.15 9.75 13.64
CA THR B 78 34.48 10.70 14.52
C THR B 78 33.25 11.36 13.90
N LEU B 79 32.31 11.74 14.77
CA LEU B 79 31.07 12.41 14.39
C LEU B 79 30.86 13.63 15.29
N ASN B 80 30.00 14.54 14.83
CA ASN B 80 29.73 15.75 15.60
C ASN B 80 28.47 15.57 16.45
N GLY B 81 28.64 15.62 17.76
CA GLY B 81 27.50 15.45 18.65
C GLY B 81 27.61 16.25 19.95
N ASP B 82 26.51 16.30 20.69
CA ASP B 82 26.48 17.03 21.96
C ASP B 82 26.59 16.12 23.18
N TYR B 83 26.57 14.81 22.93
CA TYR B 83 26.68 13.81 23.99
C TYR B 83 26.37 12.41 23.47
N ILE B 84 27.10 11.42 23.98
CA ILE B 84 26.90 10.05 23.57
C ILE B 84 25.51 9.52 23.96
N VAL B 85 24.74 9.10 22.96
CA VAL B 85 23.41 8.55 23.19
C VAL B 85 23.54 7.06 23.52
N ASP B 86 22.57 6.54 24.26
CA ASP B 86 22.59 5.15 24.65
C ASP B 86 23.87 4.78 25.40
N SER B 87 24.26 5.66 26.31
CA SER B 87 25.44 5.45 27.12
C SER B 87 24.96 5.80 28.51
N LEU B 88 23.93 6.63 28.55
CA LEU B 88 23.34 7.10 29.78
C LEU B 88 21.98 7.66 29.35
N PRO B 89 20.94 7.44 30.18
CA PRO B 89 19.60 7.95 29.85
C PRO B 89 19.62 9.38 29.36
N SER B 90 19.22 9.58 28.10
CA SER B 90 19.19 10.91 27.53
C SER B 90 18.35 11.85 28.39
N LEU B 91 17.69 11.29 29.40
CA LEU B 91 16.87 12.05 30.33
C LEU B 91 17.79 13.02 31.09
N ILE B 92 19.07 12.67 31.10
CA ILE B 92 20.12 13.44 31.74
C ILE B 92 20.18 14.91 31.32
N TYR B 93 20.21 15.15 30.01
CA TYR B 93 20.35 16.48 29.44
C TYR B 93 19.08 17.29 29.24
N THR B 94 17.96 16.77 29.73
CA THR B 94 16.68 17.44 29.60
C THR B 94 16.65 18.88 30.15
N ASP B 95 16.15 19.81 29.35
CA ASP B 95 16.06 21.20 29.78
C ASP B 95 14.67 21.39 30.39
N PHE B 96 14.49 20.84 31.59
CA PHE B 96 13.23 20.88 32.31
C PHE B 96 12.49 22.20 32.45
N LYS B 97 13.21 23.30 32.63
CA LYS B 97 12.57 24.61 32.78
C LYS B 97 11.61 24.95 31.63
N ARG B 98 11.95 24.52 30.42
CA ARG B 98 11.11 24.77 29.25
C ARG B 98 10.22 23.56 29.00
N LEU B 99 10.53 22.47 29.68
CA LEU B 99 9.79 21.22 29.58
C LEU B 99 8.61 21.21 30.54
N SER B 100 8.83 21.72 31.75
CA SER B 100 7.81 21.75 32.79
C SER B 100 6.48 22.37 32.36
N PRO B 101 6.49 23.42 31.53
CA PRO B 101 5.26 24.05 31.08
C PRO B 101 4.18 23.05 30.66
N TYR B 102 4.51 22.22 29.68
CA TYR B 102 3.60 21.22 29.18
C TYR B 102 3.89 19.85 29.78
N TYR B 103 4.59 19.86 30.91
CA TYR B 103 4.95 18.63 31.61
C TYR B 103 4.51 18.69 33.08
N ASP B 104 4.98 17.71 33.85
CA ASP B 104 4.68 17.62 35.27
C ASP B 104 5.55 16.49 35.85
N PHE B 105 6.13 16.73 37.03
CA PHE B 105 7.00 15.75 37.65
C PHE B 105 6.50 15.30 39.01
N ILE B 106 6.17 14.02 39.08
CA ILE B 106 5.64 13.44 40.31
C ILE B 106 6.70 12.85 41.22
N SER B 107 6.56 13.15 42.51
CA SER B 107 7.45 12.63 43.52
C SER B 107 6.84 11.29 43.87
N VAL B 108 7.67 10.27 44.05
CA VAL B 108 7.16 8.95 44.39
C VAL B 108 8.07 8.16 45.31
N GLY B 109 8.15 8.57 46.57
CA GLY B 109 8.99 7.89 47.54
C GLY B 109 10.46 7.79 47.19
N ARG B 110 11.18 7.01 47.99
CA ARG B 110 12.62 6.81 47.81
C ARG B 110 12.88 5.32 47.99
N THR B 111 13.91 4.80 47.33
CA THR B 111 14.19 3.37 47.47
C THR B 111 15.69 3.05 47.38
N ARG B 112 15.99 1.77 47.23
CA ARG B 112 17.37 1.32 47.15
C ARG B 112 17.78 0.76 45.79
N ILE B 113 18.66 1.48 45.11
CA ILE B 113 19.17 1.05 43.82
C ILE B 113 20.68 0.91 43.98
N ALA B 114 21.16 -0.33 43.98
CA ALA B 114 22.58 -0.59 44.15
C ALA B 114 23.02 -0.08 45.51
N ASP B 115 22.59 -0.78 46.56
CA ASP B 115 22.89 -0.44 47.94
C ASP B 115 23.04 1.05 48.19
N ARG B 116 22.07 1.83 47.72
CA ARG B 116 22.09 3.27 47.93
C ARG B 116 20.67 3.79 48.09
N LEU B 117 20.54 4.90 48.79
CA LEU B 117 19.24 5.51 49.03
C LEU B 117 18.95 6.46 47.87
N CYS B 118 17.90 6.15 47.09
CA CYS B 118 17.55 6.97 45.94
C CYS B 118 16.18 7.63 46.10
N GLU B 119 15.92 8.64 45.27
CA GLU B 119 14.65 9.35 45.27
C GLU B 119 13.92 9.12 43.94
N VAL B 120 12.92 8.24 43.95
CA VAL B 120 12.16 7.91 42.76
C VAL B 120 11.29 9.07 42.28
N ILE B 121 11.41 9.42 41.01
CA ILE B 121 10.61 10.49 40.44
C ILE B 121 10.02 10.05 39.10
N ARG B 122 8.79 10.48 38.84
CA ARG B 122 8.07 10.13 37.61
C ARG B 122 7.90 11.33 36.70
N VAL B 123 8.06 11.12 35.41
CA VAL B 123 7.91 12.19 34.42
C VAL B 123 6.75 11.83 33.49
N VAL B 124 5.92 12.82 33.15
CA VAL B 124 4.77 12.56 32.28
C VAL B 124 4.36 13.74 31.42
N ALA B 125 3.79 13.45 30.26
CA ALA B 125 3.33 14.51 29.37
C ALA B 125 1.96 14.91 29.90
N ARG B 126 1.66 16.20 29.85
CA ARG B 126 0.38 16.69 30.36
C ARG B 126 -0.78 15.93 29.71
N ASP B 127 -0.88 16.05 28.39
CA ASP B 127 -1.94 15.39 27.60
C ASP B 127 -1.89 13.87 27.62
N GLY B 128 -0.76 13.31 27.99
CA GLY B 128 -0.63 11.86 28.04
C GLY B 128 -0.41 11.26 26.66
N THR B 129 0.27 11.99 25.80
CA THR B 129 0.54 11.52 24.45
C THR B 129 1.89 10.80 24.34
N ARG B 130 2.92 11.32 25.01
CA ARG B 130 4.24 10.69 24.96
C ARG B 130 4.32 9.50 25.91
N TYR B 131 5.49 8.87 25.94
CA TYR B 131 5.76 7.73 26.81
C TYR B 131 5.88 8.22 28.26
N SER B 132 6.59 7.46 29.08
CA SER B 132 6.76 7.82 30.49
C SER B 132 8.12 7.37 31.05
N TYR B 133 8.58 8.04 32.10
CA TYR B 133 9.87 7.73 32.76
C TYR B 133 9.74 7.68 34.29
N ILE B 134 10.44 6.73 34.89
CA ILE B 134 10.48 6.59 36.35
C ILE B 134 11.95 6.52 36.69
N VAL B 135 12.52 7.63 37.15
CA VAL B 135 13.93 7.70 37.47
C VAL B 135 14.26 7.56 38.97
N TRP B 136 15.38 6.90 39.24
CA TRP B 136 15.86 6.67 40.61
C TRP B 136 17.16 7.45 40.86
N MET B 137 17.02 8.70 41.31
CA MET B 137 18.16 9.57 41.59
C MET B 137 18.85 9.20 42.91
N ASP B 138 20.17 9.29 42.93
CA ASP B 138 20.96 8.98 44.14
C ASP B 138 20.93 10.19 45.09
N THR B 139 20.67 9.92 46.37
CA THR B 139 20.61 10.99 47.37
C THR B 139 21.88 11.82 47.42
N GLU B 140 23.01 11.15 47.64
CA GLU B 140 24.32 11.81 47.72
C GLU B 140 24.69 12.63 46.47
N SER B 141 25.09 11.93 45.42
CA SER B 141 25.53 12.53 44.16
C SER B 141 24.49 13.16 43.24
N LYS B 142 23.25 12.68 43.28
CA LYS B 142 22.19 13.19 42.42
C LYS B 142 22.28 12.51 41.04
N LEU B 143 23.25 11.60 40.90
CA LEU B 143 23.44 10.88 39.66
C LEU B 143 22.46 9.71 39.55
N PRO B 144 21.71 9.64 38.44
CA PRO B 144 20.73 8.58 38.20
C PRO B 144 21.29 7.17 38.38
N MET B 145 20.58 6.36 39.15
CA MET B 145 20.98 4.98 39.41
C MET B 145 20.12 4.03 38.56
N ARG B 146 18.96 4.52 38.13
CA ARG B 146 18.05 3.74 37.29
C ARG B 146 16.93 4.59 36.69
N VAL B 147 16.73 4.42 35.38
CA VAL B 147 15.68 5.14 34.66
C VAL B 147 14.90 4.12 33.82
N ASP B 148 13.58 4.15 33.92
CA ASP B 148 12.74 3.23 33.18
C ASP B 148 11.84 3.95 32.19
N LEU B 149 11.81 3.45 30.96
CA LEU B 149 10.94 4.02 29.95
C LEU B 149 9.72 3.11 30.05
N LEU B 150 8.54 3.71 30.18
CA LEU B 150 7.32 2.92 30.29
C LEU B 150 6.29 3.34 29.27
N ASP B 151 5.56 2.36 28.75
CA ASP B 151 4.52 2.64 27.78
C ASP B 151 3.26 3.01 28.54
N ARG B 152 2.34 3.70 27.86
CA ARG B 152 1.09 4.12 28.47
C ARG B 152 0.51 3.08 29.41
N ASP B 153 0.62 1.80 29.03
CA ASP B 153 0.10 0.71 29.85
C ASP B 153 0.83 0.72 31.19
N GLY B 154 2.16 0.68 31.13
CA GLY B 154 2.96 0.69 32.33
C GLY B 154 4.14 -0.26 32.29
N GLU B 155 4.34 -0.89 31.13
CA GLU B 155 5.44 -1.83 31.01
C GLU B 155 6.76 -1.14 30.65
N THR B 156 7.86 -1.75 31.07
CA THR B 156 9.18 -1.19 30.82
C THR B 156 9.72 -1.47 29.42
N LEU B 157 9.74 -0.44 28.58
CA LEU B 157 10.25 -0.59 27.23
C LEU B 157 11.78 -0.71 27.24
N GLU B 158 12.41 0.03 28.16
CA GLU B 158 13.88 0.03 28.27
C GLU B 158 14.33 0.33 29.70
N GLN B 159 15.26 -0.45 30.22
CA GLN B 159 15.73 -0.21 31.59
C GLN B 159 17.22 0.08 31.76
N PHE B 160 17.51 1.26 32.32
CA PHE B 160 18.87 1.67 32.63
C PHE B 160 19.12 1.45 34.13
N ARG B 161 19.87 0.40 34.46
CA ARG B 161 20.14 0.10 35.87
C ARG B 161 21.62 0.16 36.21
N VAL B 162 21.95 0.94 37.24
CA VAL B 162 23.33 1.05 37.69
C VAL B 162 23.63 -0.15 38.57
N ILE B 163 24.87 -0.63 38.53
CA ILE B 163 25.26 -1.77 39.35
C ILE B 163 26.36 -1.38 40.34
N ALA B 164 27.13 -0.35 39.99
CA ALA B 164 28.19 0.14 40.87
C ALA B 164 28.53 1.59 40.55
N PHE B 165 28.45 2.42 41.59
CA PHE B 165 28.70 3.86 41.53
C PHE B 165 30.17 4.14 41.82
N ASN B 166 30.56 5.41 41.78
CA ASN B 166 31.95 5.81 42.05
C ASN B 166 32.27 7.25 41.65
N VAL B 167 33.17 7.87 42.40
CA VAL B 167 33.58 9.25 42.14
C VAL B 167 35.03 9.50 42.58
N ALA B 195 13.54 21.09 2.71
CA ALA B 195 13.39 22.54 2.89
C ALA B 195 11.92 22.92 2.97
N LYS B 196 11.30 23.17 1.82
CA LYS B 196 9.89 23.56 1.78
C LYS B 196 9.02 22.44 1.20
N PHE B 197 8.09 21.96 2.02
CA PHE B 197 7.20 20.87 1.62
C PHE B 197 5.80 21.32 1.24
N SER B 198 5.03 20.38 0.71
CA SER B 198 3.65 20.61 0.31
C SER B 198 2.74 20.00 1.35
N TRP B 199 3.33 19.52 2.43
CA TRP B 199 2.58 18.89 3.51
C TRP B 199 2.89 19.52 4.87
N THR B 200 1.93 19.46 5.78
CA THR B 200 2.11 20.04 7.12
C THR B 200 1.26 19.37 8.17
N PRO B 201 1.90 18.79 9.21
CA PRO B 201 1.17 18.12 10.29
C PRO B 201 0.32 19.13 11.07
N THR B 202 -0.99 19.00 10.99
CA THR B 202 -1.89 19.92 11.68
C THR B 202 -2.12 19.59 13.15
N TRP B 203 -1.43 18.57 13.66
CA TRP B 203 -1.59 18.19 15.06
C TRP B 203 -0.31 17.62 15.67
N LEU B 204 0.14 18.25 16.76
CA LEU B 204 1.33 17.81 17.48
C LEU B 204 0.99 17.78 18.98
N PRO B 205 1.53 16.79 19.71
CA PRO B 205 1.32 16.59 21.14
C PRO B 205 1.54 17.80 22.06
N GLN B 206 1.69 18.99 21.49
CA GLN B 206 1.91 20.20 22.29
C GLN B 206 3.18 20.05 23.12
N GLY B 207 4.29 20.52 22.60
CA GLY B 207 5.55 20.41 23.30
C GLY B 207 6.69 20.12 22.34
N PHE B 208 6.34 19.65 21.14
CA PHE B 208 7.34 19.33 20.12
C PHE B 208 7.57 20.52 19.20
N SER B 209 8.84 20.76 18.85
CA SER B 209 9.18 21.85 17.94
C SER B 209 9.87 21.27 16.70
N GLU B 210 9.45 21.73 15.52
CA GLU B 210 10.04 21.23 14.28
C GLU B 210 11.52 21.55 14.22
N VAL B 211 12.32 20.71 14.87
CA VAL B 211 13.77 20.89 14.90
C VAL B 211 14.38 21.10 13.52
N SER B 212 13.84 20.43 12.50
CA SER B 212 14.39 20.59 11.17
C SER B 212 13.55 19.99 10.05
N SER B 213 14.13 19.99 8.86
CA SER B 213 13.49 19.45 7.67
C SER B 213 14.61 19.06 6.71
N SER B 214 14.28 18.30 5.68
CA SER B 214 15.29 17.87 4.71
C SER B 214 14.65 17.04 3.62
N ARG B 215 15.26 17.02 2.45
CA ARG B 215 14.76 16.24 1.34
C ARG B 215 15.91 15.57 0.63
N ARG B 216 16.12 14.29 0.94
CA ARG B 216 17.19 13.52 0.32
C ARG B 216 16.55 12.46 -0.58
N PRO B 217 17.32 11.92 -1.53
CA PRO B 217 16.78 10.90 -2.42
C PRO B 217 16.92 9.50 -1.84
N LEU B 218 15.90 8.68 -2.04
CA LEU B 218 15.95 7.32 -1.54
C LEU B 218 16.90 6.53 -2.42
N PRO B 219 17.46 5.45 -1.88
CA PRO B 219 18.39 4.65 -2.68
C PRO B 219 17.61 3.69 -3.58
N THR B 220 16.99 4.25 -4.62
CA THR B 220 16.21 3.45 -5.55
C THR B 220 16.71 3.72 -6.98
N MET B 221 16.23 2.94 -7.94
CA MET B 221 16.64 3.14 -9.32
C MET B 221 16.16 4.50 -9.84
N ASP B 222 15.13 5.05 -9.21
CA ASP B 222 14.60 6.35 -9.66
C ASP B 222 14.95 7.47 -8.69
N ASN B 223 15.86 7.20 -7.76
CA ASN B 223 16.27 8.22 -6.79
C ASN B 223 15.04 8.91 -6.21
N MET B 224 14.05 8.10 -5.84
CA MET B 224 12.81 8.60 -5.28
C MET B 224 13.09 9.52 -4.09
N PRO B 225 12.64 10.79 -4.15
CA PRO B 225 12.87 11.71 -3.04
C PRO B 225 11.94 11.52 -1.85
N ILE B 226 12.49 11.66 -0.66
CA ILE B 226 11.71 11.53 0.56
C ILE B 226 11.94 12.80 1.40
N GLU B 227 10.85 13.46 1.81
CA GLU B 227 10.95 14.67 2.62
C GLU B 227 10.79 14.30 4.09
N SER B 228 11.62 14.91 4.94
CA SER B 228 11.58 14.61 6.37
C SER B 228 11.50 15.82 7.28
N ARG B 229 10.78 15.66 8.39
CA ARG B 229 10.62 16.70 9.40
C ARG B 229 10.87 16.11 10.78
N LEU B 230 12.02 16.45 11.36
CA LEU B 230 12.44 15.99 12.67
C LEU B 230 11.83 16.85 13.78
N TYR B 231 11.32 16.20 14.82
CA TYR B 231 10.70 16.90 15.95
C TYR B 231 11.28 16.48 17.29
N SER B 232 10.87 17.19 18.33
CA SER B 232 11.31 16.92 19.70
C SER B 232 10.58 17.83 20.69
N ASP B 233 10.34 17.32 21.89
CA ASP B 233 9.67 18.10 22.92
C ASP B 233 10.64 18.33 24.07
N GLY B 234 11.93 18.27 23.74
CA GLY B 234 12.96 18.46 24.74
C GLY B 234 13.42 17.13 25.27
N LEU B 235 12.52 16.16 25.25
CA LEU B 235 12.82 14.83 25.76
C LEU B 235 12.73 13.74 24.69
N PHE B 236 11.59 13.69 24.02
CA PHE B 236 11.35 12.71 22.96
C PHE B 236 11.48 13.33 21.58
N SER B 237 11.86 12.51 20.61
CA SER B 237 12.02 12.95 19.24
C SER B 237 11.46 11.90 18.30
N PHE B 238 11.02 12.34 17.15
CA PHE B 238 10.45 11.45 16.15
C PHE B 238 10.45 12.20 14.83
N SER B 239 10.47 11.46 13.74
CA SER B 239 10.47 12.09 12.44
C SER B 239 9.22 11.76 11.65
N VAL B 240 8.86 12.68 10.75
CA VAL B 240 7.72 12.49 9.87
C VAL B 240 8.37 12.46 8.50
N ASN B 241 8.22 11.34 7.80
CA ASN B 241 8.84 11.19 6.49
C ASN B 241 7.81 10.93 5.41
N VAL B 242 7.93 11.65 4.30
CA VAL B 242 6.97 11.49 3.21
C VAL B 242 7.56 11.23 1.82
N ASN B 243 6.97 10.26 1.13
CA ASN B 243 7.37 9.93 -0.23
C ASN B 243 6.11 9.63 -1.02
N ARG B 244 6.17 9.80 -2.33
CA ARG B 244 5.02 9.53 -3.16
C ARG B 244 4.60 8.09 -2.86
N ALA B 245 3.30 7.84 -2.77
CA ALA B 245 2.84 6.50 -2.50
C ALA B 245 3.26 5.61 -3.67
N THR B 246 3.48 4.32 -3.41
CA THR B 246 3.84 3.42 -4.50
C THR B 246 2.87 2.24 -4.47
N PRO B 247 2.89 1.38 -5.49
CA PRO B 247 1.96 0.25 -5.45
C PRO B 247 2.23 -0.73 -4.30
N SER B 248 3.34 -0.57 -3.60
CA SER B 248 3.64 -1.48 -2.51
C SER B 248 3.53 -0.82 -1.15
N SER B 249 3.13 0.43 -1.14
CA SER B 249 2.99 1.15 0.11
C SER B 249 1.75 0.65 0.85
N THR B 250 1.93 0.16 2.07
CA THR B 250 0.82 -0.33 2.88
C THR B 250 0.95 0.20 4.29
N ASP B 251 -0.18 0.34 4.97
CA ASP B 251 -0.19 0.80 6.36
C ASP B 251 0.46 -0.30 7.19
N GLN B 252 1.49 0.05 7.95
CA GLN B 252 2.20 -0.89 8.83
C GLN B 252 2.40 -0.26 10.21
N MET B 253 2.54 -1.12 11.22
CA MET B 253 2.78 -0.64 12.57
C MET B 253 3.73 -1.56 13.28
N LEU B 254 4.94 -1.06 13.54
CA LEU B 254 5.95 -1.84 14.23
C LEU B 254 6.57 -1.03 15.38
N ARG B 255 6.64 -1.65 16.56
CA ARG B 255 7.24 -1.00 17.72
C ARG B 255 8.21 -1.94 18.42
N THR B 256 9.43 -1.47 18.60
CA THR B 256 10.46 -2.23 19.28
C THR B 256 11.06 -1.29 20.29
N GLY B 257 10.95 -1.62 21.58
CA GLY B 257 11.48 -0.74 22.61
C GLY B 257 11.00 0.69 22.36
N ARG B 258 11.94 1.63 22.30
CA ARG B 258 11.58 3.03 22.06
C ARG B 258 11.56 3.41 20.58
N ARG B 259 11.49 2.44 19.69
CA ARG B 259 11.42 2.73 18.26
C ARG B 259 10.05 2.33 17.73
N THR B 260 9.32 3.31 17.21
CA THR B 260 8.02 3.03 16.65
C THR B 260 8.00 3.47 15.19
N VAL B 261 7.84 2.50 14.30
CA VAL B 261 7.80 2.80 12.87
C VAL B 261 6.36 2.64 12.42
N SER B 262 5.70 3.77 12.17
CA SER B 262 4.32 3.76 11.73
C SER B 262 4.20 4.30 10.32
N THR B 263 3.62 3.49 9.44
CA THR B 263 3.43 3.90 8.05
C THR B 263 1.94 3.98 7.75
N SER B 264 1.57 4.96 6.94
CA SER B 264 0.18 5.15 6.55
C SER B 264 0.17 5.56 5.10
N VAL B 265 -0.80 5.08 4.34
CA VAL B 265 -0.89 5.46 2.94
C VAL B 265 -2.20 6.16 2.63
N ARG B 266 -2.10 7.39 2.15
CA ARG B 266 -3.28 8.16 1.79
C ARG B 266 -2.93 9.44 1.07
N ASP B 267 -3.81 9.83 0.16
CA ASP B 267 -3.64 11.03 -0.62
C ASP B 267 -2.36 10.98 -1.46
N ASN B 268 -2.14 9.85 -2.11
CA ASN B 268 -0.99 9.64 -2.98
C ASN B 268 0.35 9.77 -2.25
N ALA B 269 0.33 9.62 -0.93
CA ALA B 269 1.56 9.73 -0.16
C ALA B 269 1.82 8.59 0.82
N GLU B 270 3.10 8.35 1.08
CA GLU B 270 3.54 7.31 2.00
C GLU B 270 4.22 7.98 3.20
N ILE B 271 3.46 8.10 4.28
CA ILE B 271 3.89 8.75 5.53
C ILE B 271 4.50 7.80 6.55
N THR B 272 5.75 8.05 6.93
CA THR B 272 6.42 7.19 7.90
C THR B 272 6.91 7.95 9.13
N ILE B 273 6.35 7.59 10.27
CA ILE B 273 6.72 8.21 11.52
C ILE B 273 7.70 7.31 12.24
N VAL B 274 8.85 7.84 12.58
CA VAL B 274 9.86 7.07 13.29
C VAL B 274 10.28 7.81 14.56
N GLY B 275 10.16 7.16 15.71
CA GLY B 275 10.56 7.83 16.94
C GLY B 275 9.99 7.25 18.22
N GLU B 276 10.25 7.94 19.33
CA GLU B 276 9.80 7.53 20.64
C GLU B 276 8.35 7.95 20.84
N LEU B 277 7.42 7.25 20.20
CA LEU B 277 6.01 7.57 20.33
C LEU B 277 5.15 6.33 20.40
N PRO B 278 4.13 6.35 21.26
CA PRO B 278 3.30 5.14 21.30
C PRO B 278 2.54 5.14 19.97
N PRO B 279 2.16 3.95 19.47
CA PRO B 279 1.43 3.86 18.21
C PRO B 279 0.22 4.79 18.08
N GLN B 280 -0.70 4.71 19.04
CA GLN B 280 -1.92 5.54 19.03
C GLN B 280 -1.60 6.98 18.61
N THR B 281 -0.51 7.51 19.15
CA THR B 281 -0.08 8.87 18.88
C THR B 281 0.48 9.05 17.48
N ALA B 282 1.50 8.26 17.15
CA ALA B 282 2.11 8.35 15.82
C ALA B 282 1.03 8.29 14.77
N LYS B 283 0.15 7.29 14.90
CA LYS B 283 -0.94 7.12 13.95
C LYS B 283 -1.78 8.39 13.81
N ARG B 284 -1.90 9.14 14.91
CA ARG B 284 -2.68 10.38 14.93
C ARG B 284 -1.97 11.53 14.23
N ILE B 285 -0.65 11.61 14.41
CA ILE B 285 0.14 12.64 13.77
C ILE B 285 0.12 12.47 12.26
N ALA B 286 0.07 11.22 11.81
CA ALA B 286 0.04 10.94 10.38
C ALA B 286 -1.34 11.08 9.76
N GLU B 287 -2.36 11.22 10.61
CA GLU B 287 -3.73 11.38 10.11
C GLU B 287 -4.16 12.83 10.00
N ASN B 288 -3.36 13.74 10.55
CA ASN B 288 -3.69 15.15 10.49
C ASN B 288 -2.68 15.95 9.69
N ILE B 289 -1.90 15.25 8.88
CA ILE B 289 -0.92 15.90 8.04
C ILE B 289 -1.60 16.14 6.70
N LYS B 290 -2.18 17.32 6.54
CA LYS B 290 -2.89 17.66 5.32
C LYS B 290 -1.96 18.28 4.29
N PHE B 291 -2.36 18.16 3.02
CA PHE B 291 -1.60 18.71 1.90
C PHE B 291 -2.42 19.87 1.34
N GLY B 292 -2.04 21.09 1.69
CA GLY B 292 -2.75 22.27 1.22
C GLY B 292 -4.17 22.43 1.74
N PRO C 2 -34.06 15.41 -2.85
CA PRO C 2 -34.40 13.98 -3.00
C PRO C 2 -34.38 13.55 -4.47
N ALA C 3 -33.24 13.74 -5.12
CA ALA C 3 -33.11 13.38 -6.53
C ALA C 3 -32.44 12.03 -6.73
N SER C 4 -31.95 11.43 -5.65
CA SER C 4 -31.29 10.12 -5.74
C SER C 4 -32.12 9.10 -6.49
N GLY C 5 -33.38 8.94 -6.08
CA GLY C 5 -34.28 8.00 -6.72
C GLY C 5 -34.43 8.25 -8.22
N ALA C 6 -34.67 9.51 -8.58
CA ALA C 6 -34.86 9.90 -9.96
C ALA C 6 -33.58 9.60 -10.75
N LEU C 7 -32.44 9.90 -10.14
CA LEU C 7 -31.16 9.62 -10.78
C LEU C 7 -31.02 8.12 -11.06
N LEU C 8 -31.10 7.28 -10.02
CA LEU C 8 -30.99 5.83 -10.21
C LEU C 8 -31.89 5.39 -11.36
N GLN C 9 -33.13 5.91 -11.34
CA GLN C 9 -34.16 5.65 -12.33
C GLN C 9 -33.65 6.04 -13.71
N GLN C 10 -33.04 7.22 -13.81
CA GLN C 10 -32.50 7.71 -15.08
C GLN C 10 -31.33 6.85 -15.55
N MET C 11 -30.53 6.36 -14.60
CA MET C 11 -29.40 5.49 -14.92
C MET C 11 -29.98 4.23 -15.57
N ASN C 12 -31.09 3.76 -15.03
CA ASN C 12 -31.75 2.56 -15.58
C ASN C 12 -32.26 2.85 -16.99
N LEU C 13 -32.69 4.10 -17.21
CA LEU C 13 -33.22 4.50 -18.51
C LEU C 13 -32.15 4.57 -19.57
N ALA C 14 -31.06 5.25 -19.25
CA ALA C 14 -29.94 5.41 -20.18
C ALA C 14 -29.40 4.04 -20.60
N SER C 15 -29.43 3.08 -19.68
CA SER C 15 -28.91 1.74 -19.96
C SER C 15 -29.70 0.97 -20.99
N GLN C 16 -30.90 1.44 -21.29
CA GLN C 16 -31.76 0.76 -22.27
C GLN C 16 -31.92 1.51 -23.58
N SER C 17 -31.90 2.84 -23.53
CA SER C 17 -32.12 3.63 -24.73
C SER C 17 -30.92 4.11 -25.53
N LEU C 18 -29.77 4.24 -24.86
CA LEU C 18 -28.56 4.73 -25.53
C LEU C 18 -27.77 3.72 -26.34
N ASN C 19 -26.89 4.25 -27.17
CA ASN C 19 -25.99 3.47 -28.02
C ASN C 19 -24.62 3.69 -27.36
N TYR C 20 -24.02 2.62 -26.85
CA TYR C 20 -22.75 2.78 -26.17
C TYR C 20 -21.89 1.52 -26.09
N GLU C 21 -20.64 1.72 -25.74
CA GLU C 21 -19.72 0.59 -25.58
C GLU C 21 -18.96 0.83 -24.28
N LEU C 22 -18.84 -0.21 -23.46
CA LEU C 22 -18.13 -0.09 -22.20
C LEU C 22 -17.09 -1.17 -22.05
N SER C 23 -15.85 -0.77 -21.81
CA SER C 23 -14.79 -1.74 -21.58
C SER C 23 -14.73 -1.72 -20.07
N PHE C 24 -15.04 -2.84 -19.45
CA PHE C 24 -15.06 -2.86 -18.01
C PHE C 24 -14.46 -4.13 -17.47
N ILE C 25 -14.35 -4.18 -16.15
CA ILE C 25 -13.81 -5.33 -15.46
C ILE C 25 -14.80 -5.76 -14.41
N SER C 26 -14.80 -7.06 -14.14
CA SER C 26 -15.67 -7.61 -13.12
C SER C 26 -14.72 -8.18 -12.07
N ILE C 27 -14.85 -7.71 -10.85
CA ILE C 27 -13.98 -8.15 -9.76
C ILE C 27 -14.73 -8.94 -8.69
N ASN C 28 -14.11 -10.02 -8.24
CA ASN C 28 -14.66 -10.87 -7.21
C ASN C 28 -13.62 -11.85 -6.68
N LYS C 29 -14.07 -12.79 -5.86
CA LYS C 29 -13.23 -13.81 -5.25
C LYS C 29 -12.26 -14.46 -6.24
N GLN C 30 -12.80 -14.99 -7.34
CA GLN C 30 -12.00 -15.65 -8.36
C GLN C 30 -10.90 -14.77 -8.95
N GLY C 31 -11.24 -13.53 -9.29
CA GLY C 31 -10.24 -12.64 -9.84
C GLY C 31 -10.80 -11.42 -10.55
N VAL C 32 -10.08 -11.00 -11.58
CA VAL C 32 -10.46 -9.83 -12.38
C VAL C 32 -10.68 -10.30 -13.80
N GLU C 33 -11.87 -10.05 -14.31
CA GLU C 33 -12.22 -10.44 -15.66
C GLU C 33 -12.48 -9.22 -16.55
N SER C 34 -11.87 -9.20 -17.74
CA SER C 34 -12.04 -8.13 -18.69
C SER C 34 -13.23 -8.43 -19.58
N LEU C 35 -14.05 -7.41 -19.83
CA LEU C 35 -15.26 -7.60 -20.62
C LEU C 35 -15.60 -6.33 -21.39
N ARG C 36 -16.19 -6.51 -22.57
CA ARG C 36 -16.60 -5.40 -23.39
C ARG C 36 -18.08 -5.61 -23.64
N TYR C 37 -18.86 -4.56 -23.41
CA TYR C 37 -20.29 -4.65 -23.61
C TYR C 37 -20.77 -3.58 -24.55
N ARG C 38 -21.36 -3.99 -25.66
CA ARG C 38 -21.91 -3.05 -26.63
C ARG C 38 -23.43 -3.06 -26.54
N HIS C 39 -24.04 -1.92 -26.73
CA HIS C 39 -25.50 -1.83 -26.68
C HIS C 39 -26.04 -0.79 -27.64
N ALA C 40 -27.24 -1.05 -28.11
CA ALA C 40 -27.92 -0.13 -29.02
C ALA C 40 -29.41 -0.47 -29.09
N ARG C 41 -30.22 0.52 -29.47
CA ARG C 41 -31.64 0.28 -29.61
C ARG C 41 -32.09 0.78 -30.96
N LEU C 42 -32.29 -0.16 -31.88
CA LEU C 42 -32.73 0.14 -33.23
C LEU C 42 -34.25 -0.06 -33.35
N ASP C 43 -34.98 1.03 -33.55
CA ASP C 43 -36.43 0.97 -33.65
C ASP C 43 -36.97 0.25 -32.42
N ASN C 44 -36.71 0.82 -31.25
CA ASN C 44 -37.15 0.28 -29.98
C ASN C 44 -36.76 -1.20 -29.76
N ARG C 45 -35.82 -1.70 -30.58
CA ARG C 45 -35.36 -3.08 -30.44
C ARG C 45 -33.98 -3.10 -29.80
N PRO C 46 -33.81 -3.84 -28.71
CA PRO C 46 -32.51 -3.91 -28.04
C PRO C 46 -31.48 -4.80 -28.75
N LEU C 47 -30.27 -4.26 -28.89
CA LEU C 47 -29.15 -4.96 -29.53
C LEU C 47 -27.92 -4.82 -28.60
N ALA C 48 -27.33 -5.93 -28.18
CA ALA C 48 -26.17 -5.87 -27.31
C ALA C 48 -25.17 -7.02 -27.48
N GLN C 49 -23.92 -6.76 -27.15
CA GLN C 49 -22.88 -7.77 -27.23
C GLN C 49 -22.00 -7.77 -25.99
N LEU C 50 -21.82 -8.94 -25.41
CA LEU C 50 -20.94 -9.10 -24.25
C LEU C 50 -19.80 -9.95 -24.78
N LEU C 51 -18.57 -9.45 -24.67
CA LEU C 51 -17.41 -10.17 -25.16
C LEU C 51 -16.31 -10.33 -24.12
N GLN C 52 -15.94 -11.59 -23.86
CA GLN C 52 -14.87 -11.89 -22.92
C GLN C 52 -13.63 -11.50 -23.69
N MET C 53 -12.84 -10.58 -23.13
CA MET C 53 -11.68 -10.09 -23.86
C MET C 53 -10.37 -10.86 -23.76
N ASP C 54 -10.20 -11.62 -22.69
CA ASP C 54 -8.97 -12.39 -22.53
C ASP C 54 -9.29 -13.87 -22.63
N GLY C 55 -8.31 -14.66 -23.08
CA GLY C 55 -8.52 -16.09 -23.18
C GLY C 55 -9.45 -16.53 -24.30
N PRO C 56 -10.06 -17.71 -24.17
CA PRO C 56 -10.97 -18.18 -25.21
C PRO C 56 -11.97 -17.10 -25.56
N ARG C 57 -12.27 -16.95 -26.84
CA ARG C 57 -13.22 -15.94 -27.27
C ARG C 57 -14.61 -16.47 -26.97
N ARG C 58 -15.23 -15.95 -25.92
CA ARG C 58 -16.57 -16.38 -25.49
C ARG C 58 -17.47 -15.19 -25.78
N GLU C 59 -18.50 -15.40 -26.59
CA GLU C 59 -19.37 -14.29 -26.96
C GLU C 59 -20.86 -14.54 -26.71
N VAL C 60 -21.58 -13.48 -26.38
CA VAL C 60 -23.02 -13.53 -26.14
C VAL C 60 -23.60 -12.29 -26.79
N VAL C 61 -24.70 -12.45 -27.51
CA VAL C 61 -25.34 -11.31 -28.17
C VAL C 61 -26.81 -11.23 -27.79
N GLN C 62 -27.42 -10.09 -28.09
CA GLN C 62 -28.82 -9.89 -27.77
C GLN C 62 -29.57 -9.17 -28.88
N ARG C 63 -30.81 -9.62 -29.08
CA ARG C 63 -31.70 -9.05 -30.09
C ARG C 63 -33.08 -9.55 -29.67
N GLY C 64 -33.86 -8.67 -29.05
CA GLY C 64 -35.17 -9.06 -28.59
C GLY C 64 -35.08 -9.97 -27.38
N ASN C 65 -36.09 -10.80 -27.18
CA ASN C 65 -36.11 -11.72 -26.04
C ASN C 65 -35.18 -12.91 -26.27
N GLU C 66 -34.41 -12.86 -27.34
CA GLU C 66 -33.49 -13.96 -27.63
C GLU C 66 -32.00 -13.61 -27.49
N ILE C 67 -31.33 -14.41 -26.67
CA ILE C 67 -29.92 -14.25 -26.37
C ILE C 67 -29.17 -15.43 -26.98
N SER C 68 -28.22 -15.14 -27.88
CA SER C 68 -27.45 -16.20 -28.52
C SER C 68 -26.06 -16.39 -27.89
N TYR C 69 -25.72 -17.65 -27.59
CA TYR C 69 -24.45 -17.98 -26.96
C TYR C 69 -23.39 -18.61 -27.87
N PHE C 70 -22.19 -18.03 -27.85
CA PHE C 70 -21.08 -18.53 -28.65
C PHE C 70 -19.91 -18.96 -27.76
N GLU C 71 -19.81 -20.25 -27.48
CA GLU C 71 -18.71 -20.76 -26.67
C GLU C 71 -17.63 -21.34 -27.57
N PRO C 72 -16.36 -21.19 -27.17
CA PRO C 72 -15.22 -21.69 -27.95
C PRO C 72 -15.36 -23.17 -28.28
N GLY C 73 -15.44 -23.47 -29.57
CA GLY C 73 -15.58 -24.85 -30.00
C GLY C 73 -17.02 -25.33 -30.04
N LEU C 74 -17.75 -25.10 -28.94
CA LEU C 74 -19.15 -25.50 -28.85
C LEU C 74 -19.98 -24.92 -29.98
N GLU C 75 -21.20 -25.43 -30.11
CA GLU C 75 -22.12 -24.98 -31.15
C GLU C 75 -23.00 -23.85 -30.62
N PRO C 76 -23.23 -22.80 -31.43
CA PRO C 76 -24.05 -21.63 -31.08
C PRO C 76 -25.54 -21.92 -30.95
N PHE C 77 -26.10 -21.66 -29.76
CA PHE C 77 -27.51 -21.89 -29.52
C PHE C 77 -28.17 -20.63 -28.98
N THR C 78 -29.49 -20.56 -29.11
CA THR C 78 -30.25 -19.40 -28.64
C THR C 78 -31.20 -19.77 -27.49
N LEU C 79 -31.60 -18.76 -26.72
CA LEU C 79 -32.52 -18.98 -25.59
C LEU C 79 -33.37 -17.72 -25.37
N ASN C 80 -34.32 -17.82 -24.45
CA ASN C 80 -35.15 -16.67 -24.12
C ASN C 80 -34.39 -15.91 -23.06
N GLY C 81 -34.50 -14.59 -23.05
CA GLY C 81 -33.82 -13.80 -22.06
C GLY C 81 -34.08 -12.33 -22.31
N ASP C 82 -34.25 -11.56 -21.25
CA ASP C 82 -34.51 -10.14 -21.42
C ASP C 82 -33.22 -9.33 -21.30
N TYR C 83 -32.13 -10.02 -20.97
CA TYR C 83 -30.82 -9.39 -20.82
C TYR C 83 -29.71 -10.43 -20.75
N ILE C 84 -28.50 -10.03 -21.12
CA ILE C 84 -27.36 -10.94 -21.10
C ILE C 84 -26.86 -11.10 -19.67
N VAL C 85 -26.66 -12.34 -19.26
CA VAL C 85 -26.20 -12.63 -17.93
C VAL C 85 -24.78 -12.12 -17.73
N ASP C 86 -24.50 -11.59 -16.55
CA ASP C 86 -23.18 -11.07 -16.21
C ASP C 86 -22.66 -10.00 -17.17
N SER C 87 -23.59 -9.24 -17.74
CA SER C 87 -23.23 -8.12 -18.61
C SER C 87 -23.27 -6.99 -17.58
N LEU C 88 -24.23 -6.07 -17.68
CA LEU C 88 -24.34 -5.00 -16.70
C LEU C 88 -24.76 -5.64 -15.36
N PRO C 89 -24.40 -5.02 -14.23
CA PRO C 89 -24.82 -5.65 -12.97
C PRO C 89 -26.34 -5.59 -12.76
N SER C 90 -26.88 -6.64 -12.15
CA SER C 90 -28.31 -6.78 -11.88
C SER C 90 -28.96 -5.52 -11.29
N LEU C 91 -28.16 -4.68 -10.67
CA LEU C 91 -28.65 -3.46 -10.05
C LEU C 91 -29.32 -2.52 -11.06
N ILE C 92 -28.64 -2.29 -12.17
CA ILE C 92 -29.12 -1.39 -13.22
C ILE C 92 -30.55 -1.65 -13.68
N TYR C 93 -30.96 -2.92 -13.67
CA TYR C 93 -32.31 -3.31 -14.09
C TYR C 93 -33.40 -3.14 -13.03
N THR C 94 -33.04 -2.70 -11.83
CA THR C 94 -34.03 -2.54 -10.76
C THR C 94 -35.11 -1.47 -10.99
N ASP C 95 -36.30 -1.73 -10.45
CA ASP C 95 -37.42 -0.77 -10.51
C ASP C 95 -37.24 0.03 -9.22
N PHE C 96 -36.41 1.06 -9.26
CA PHE C 96 -36.15 1.86 -8.07
C PHE C 96 -37.38 2.49 -7.42
N LYS C 97 -38.41 2.74 -8.21
CA LYS C 97 -39.63 3.32 -7.67
C LYS C 97 -40.24 2.30 -6.72
N ARG C 98 -40.18 1.03 -7.07
CA ARG C 98 -40.71 -0.02 -6.22
C ARG C 98 -39.95 -0.15 -4.90
N LEU C 99 -38.63 0.05 -4.95
CA LEU C 99 -37.83 -0.08 -3.73
C LEU C 99 -37.86 1.14 -2.83
N SER C 100 -38.22 2.31 -3.37
CA SER C 100 -38.19 3.54 -2.58
C SER C 100 -38.89 3.51 -1.23
N PRO C 101 -39.96 2.72 -1.09
CA PRO C 101 -40.55 2.76 0.24
C PRO C 101 -39.70 2.09 1.34
N TYR C 102 -38.97 1.03 0.99
CA TYR C 102 -38.18 0.32 2.00
C TYR C 102 -36.66 0.40 1.87
N TYR C 103 -36.17 1.28 1.01
CA TYR C 103 -34.73 1.46 0.82
C TYR C 103 -34.38 2.93 0.90
N ASP C 104 -33.15 3.22 1.29
CA ASP C 104 -32.66 4.57 1.34
C ASP C 104 -31.71 4.73 0.15
N PHE C 105 -31.82 5.86 -0.55
CA PHE C 105 -30.97 6.17 -1.68
C PHE C 105 -30.19 7.34 -1.10
N ILE C 106 -28.94 7.07 -0.73
CA ILE C 106 -28.10 8.06 -0.09
C ILE C 106 -27.09 8.71 -1.02
N SER C 107 -27.09 10.04 -1.04
CA SER C 107 -26.17 10.82 -1.85
C SER C 107 -24.87 10.97 -1.08
N VAL C 108 -23.78 10.43 -1.59
CA VAL C 108 -22.52 10.59 -0.87
C VAL C 108 -21.54 11.54 -1.56
N GLY C 109 -21.97 12.13 -2.67
CA GLY C 109 -21.09 13.08 -3.35
C GLY C 109 -20.73 12.72 -4.78
N ARG C 110 -19.60 13.26 -5.25
CA ARG C 110 -19.13 12.99 -6.60
C ARG C 110 -17.65 12.69 -6.60
N THR C 111 -17.21 11.94 -7.59
CA THR C 111 -15.81 11.55 -7.73
C THR C 111 -15.64 11.17 -9.18
N ARG C 112 -14.40 10.93 -9.58
CA ARG C 112 -14.10 10.52 -10.94
C ARG C 112 -14.01 9.00 -11.03
N ILE C 113 -14.41 8.46 -12.17
CA ILE C 113 -14.29 7.07 -12.47
C ILE C 113 -14.08 7.13 -13.95
N ALA C 114 -12.98 6.55 -14.43
CA ALA C 114 -12.66 6.55 -15.85
C ALA C 114 -12.58 7.97 -16.41
N ASP C 115 -11.99 8.88 -15.63
CA ASP C 115 -11.84 10.27 -16.05
C ASP C 115 -13.18 10.93 -16.34
N ARG C 116 -14.19 10.59 -15.55
CA ARG C 116 -15.52 11.18 -15.72
C ARG C 116 -16.08 11.57 -14.38
N LEU C 117 -16.85 12.65 -14.34
CA LEU C 117 -17.46 13.08 -13.10
C LEU C 117 -18.59 12.11 -12.84
N CYS C 118 -18.69 11.63 -11.60
CA CYS C 118 -19.74 10.68 -11.26
C CYS C 118 -20.55 11.03 -10.04
N GLU C 119 -21.83 10.72 -10.10
CA GLU C 119 -22.71 10.92 -8.97
C GLU C 119 -22.57 9.58 -8.20
N VAL C 120 -22.33 9.66 -6.89
CA VAL C 120 -22.14 8.47 -6.06
C VAL C 120 -23.31 8.29 -5.11
N ILE C 121 -24.00 7.16 -5.24
CA ILE C 121 -25.17 6.93 -4.42
C ILE C 121 -25.18 5.55 -3.78
N ARG C 122 -25.67 5.49 -2.56
CA ARG C 122 -25.77 4.22 -1.86
C ARG C 122 -27.21 3.75 -1.88
N VAL C 123 -27.41 2.46 -2.06
CA VAL C 123 -28.74 1.86 -2.05
C VAL C 123 -28.70 0.92 -0.85
N VAL C 124 -29.39 1.28 0.23
CA VAL C 124 -29.41 0.48 1.46
C VAL C 124 -30.83 0.23 1.98
N ALA C 125 -31.14 -1.00 2.36
CA ALA C 125 -32.49 -1.27 2.88
C ALA C 125 -32.63 -0.62 4.25
N ARG C 126 -33.72 0.12 4.46
CA ARG C 126 -33.97 0.81 5.72
C ARG C 126 -33.84 -0.11 6.94
N ASP C 127 -34.39 -1.32 6.86
CA ASP C 127 -34.33 -2.20 8.02
C ASP C 127 -32.98 -2.85 8.32
N GLY C 128 -31.93 -2.38 7.65
CA GLY C 128 -30.57 -2.88 7.88
C GLY C 128 -30.42 -4.39 7.79
N THR C 129 -31.28 -5.02 7.00
CA THR C 129 -31.28 -6.46 6.89
C THR C 129 -30.59 -7.08 5.65
N ARG C 130 -30.19 -6.26 4.66
CA ARG C 130 -29.58 -6.79 3.46
C ARG C 130 -28.20 -6.27 3.10
N TYR C 131 -27.69 -6.80 2.00
CA TYR C 131 -26.44 -6.35 1.47
C TYR C 131 -26.84 -4.99 0.90
N SER C 132 -25.86 -4.15 0.60
CA SER C 132 -26.13 -2.84 0.03
C SER C 132 -25.28 -2.65 -1.21
N TYR C 133 -25.56 -1.55 -1.92
CA TYR C 133 -24.80 -1.21 -3.11
C TYR C 133 -24.33 0.21 -3.02
N ILE C 134 -23.27 0.49 -3.75
CA ILE C 134 -22.75 1.83 -3.84
C ILE C 134 -22.59 1.99 -5.35
N VAL C 135 -23.22 3.02 -5.91
CA VAL C 135 -23.15 3.24 -7.34
C VAL C 135 -22.58 4.59 -7.79
N TRP C 136 -21.69 4.51 -8.78
CA TRP C 136 -21.05 5.66 -9.39
C TRP C 136 -21.65 5.74 -10.79
N MET C 137 -22.32 6.84 -11.12
CA MET C 137 -22.92 6.99 -12.44
C MET C 137 -22.41 8.25 -13.12
N ASP C 138 -22.20 8.16 -14.43
CA ASP C 138 -21.68 9.29 -15.20
C ASP C 138 -22.64 10.50 -15.13
N THR C 139 -22.14 11.63 -14.65
CA THR C 139 -22.96 12.82 -14.52
C THR C 139 -23.68 13.19 -15.82
N GLU C 140 -22.94 13.17 -16.92
CA GLU C 140 -23.49 13.48 -18.23
C GLU C 140 -24.45 12.40 -18.76
N SER C 141 -23.92 11.21 -19.06
CA SER C 141 -24.75 10.12 -19.60
C SER C 141 -25.66 9.35 -18.65
N LYS C 142 -25.28 9.29 -17.37
CA LYS C 142 -26.02 8.54 -16.34
C LYS C 142 -25.92 7.01 -16.48
N LEU C 143 -24.96 6.54 -17.27
CA LEU C 143 -24.72 5.10 -17.41
C LEU C 143 -23.88 4.71 -16.19
N PRO C 144 -23.91 3.42 -15.81
CA PRO C 144 -23.12 3.00 -14.65
C PRO C 144 -21.61 2.98 -14.93
N MET C 145 -20.81 3.52 -14.02
CA MET C 145 -19.36 3.54 -14.19
C MET C 145 -18.71 2.60 -13.17
N ARG C 146 -19.41 2.40 -12.05
CA ARG C 146 -18.94 1.51 -11.01
C ARG C 146 -20.05 1.06 -10.10
N VAL C 147 -20.10 -0.24 -9.83
CA VAL C 147 -21.09 -0.81 -8.92
C VAL C 147 -20.40 -1.79 -7.96
N ASP C 148 -20.56 -1.51 -6.67
CA ASP C 148 -19.99 -2.33 -5.60
C ASP C 148 -21.12 -2.93 -4.82
N LEU C 149 -21.09 -4.25 -4.64
CA LEU C 149 -22.09 -4.96 -3.84
C LEU C 149 -21.36 -5.20 -2.53
N LEU C 150 -21.91 -4.71 -1.43
CA LEU C 150 -21.28 -4.85 -0.13
C LEU C 150 -22.03 -5.72 0.87
N ASP C 151 -21.30 -6.32 1.81
CA ASP C 151 -21.97 -7.12 2.84
C ASP C 151 -22.25 -6.18 4.00
N ARG C 152 -22.94 -6.66 5.02
CA ARG C 152 -23.27 -5.82 6.14
C ARG C 152 -22.08 -5.19 6.85
N ASP C 153 -20.89 -5.72 6.62
CA ASP C 153 -19.69 -5.17 7.27
C ASP C 153 -18.95 -4.16 6.41
N GLY C 154 -19.56 -3.78 5.28
CA GLY C 154 -18.94 -2.81 4.39
C GLY C 154 -17.95 -3.42 3.42
N GLU C 155 -17.62 -4.70 3.60
CA GLU C 155 -16.68 -5.37 2.71
C GLU C 155 -17.31 -5.61 1.32
N THR C 156 -16.50 -5.47 0.29
CA THR C 156 -16.97 -5.67 -1.07
C THR C 156 -17.10 -7.14 -1.45
N LEU C 157 -18.23 -7.49 -2.06
CA LEU C 157 -18.47 -8.85 -2.50
C LEU C 157 -18.30 -8.94 -4.01
N GLU C 158 -18.56 -7.83 -4.70
CA GLU C 158 -18.48 -7.76 -6.15
C GLU C 158 -18.27 -6.33 -6.61
N GLN C 159 -17.47 -6.16 -7.66
CA GLN C 159 -17.24 -4.84 -8.20
C GLN C 159 -17.26 -4.85 -9.71
N PHE C 160 -18.00 -3.88 -10.24
CA PHE C 160 -18.14 -3.66 -11.67
C PHE C 160 -17.48 -2.30 -11.90
N ARG C 161 -16.50 -2.21 -12.79
CA ARG C 161 -15.88 -0.92 -13.03
C ARG C 161 -15.63 -0.69 -14.51
N VAL C 162 -15.94 0.52 -14.96
CA VAL C 162 -15.76 0.93 -16.35
C VAL C 162 -14.34 1.46 -16.45
N ILE C 163 -13.60 1.01 -17.47
CA ILE C 163 -12.24 1.46 -17.69
C ILE C 163 -12.24 2.42 -18.88
N ALA C 164 -13.06 2.11 -19.88
CA ALA C 164 -13.16 2.96 -21.05
C ALA C 164 -14.57 2.84 -21.58
N PHE C 165 -15.16 3.97 -21.96
CA PHE C 165 -16.50 3.92 -22.52
C PHE C 165 -16.74 4.91 -23.64
N ASN C 166 -17.84 4.71 -24.32
CA ASN C 166 -18.19 5.54 -25.45
C ASN C 166 -19.72 5.53 -25.64
N VAL C 167 -20.27 6.69 -25.92
CA VAL C 167 -21.71 6.82 -26.16
C VAL C 167 -21.88 7.37 -27.58
N ASN C 168 -22.51 6.57 -28.44
CA ASN C 168 -22.70 6.93 -29.85
C ASN C 168 -24.06 7.54 -30.17
N GLN C 169 -24.03 8.76 -30.72
CA GLN C 169 -25.24 9.46 -31.10
C GLN C 169 -26.03 8.58 -32.06
N ASP C 170 -25.31 7.78 -32.84
CA ASP C 170 -25.92 6.90 -33.82
C ASP C 170 -25.35 5.48 -33.66
N ILE C 171 -26.00 4.50 -34.29
CA ILE C 171 -25.58 3.10 -34.20
C ILE C 171 -24.23 2.81 -34.85
N SER C 172 -23.50 1.86 -34.27
CA SER C 172 -22.20 1.46 -34.79
C SER C 172 -22.44 0.55 -35.98
N SER C 173 -21.38 0.19 -36.69
CA SER C 173 -21.53 -0.69 -37.84
C SER C 173 -21.73 -2.13 -37.38
N SER C 174 -21.02 -2.52 -36.34
CA SER C 174 -21.12 -3.86 -35.80
C SER C 174 -22.49 -4.16 -35.21
N MET C 175 -23.13 -3.16 -34.60
CA MET C 175 -24.45 -3.38 -34.02
C MET C 175 -25.52 -3.56 -35.12
N GLN C 176 -25.31 -2.94 -36.27
CA GLN C 176 -26.26 -3.09 -37.39
C GLN C 176 -26.03 -4.50 -37.95
N THR C 177 -24.77 -4.77 -38.27
CA THR C 177 -24.34 -6.05 -38.81
C THR C 177 -24.76 -7.19 -37.88
N LEU C 178 -25.43 -6.84 -36.79
CA LEU C 178 -25.91 -7.84 -35.83
C LEU C 178 -27.42 -7.89 -35.88
N ALA C 179 -28.04 -6.73 -36.09
CA ALA C 179 -29.49 -6.62 -36.18
C ALA C 179 -29.96 -7.50 -37.32
N LYS C 180 -29.15 -7.57 -38.37
CA LYS C 180 -29.46 -8.36 -39.54
C LYS C 180 -28.37 -9.43 -39.71
N ALA C 181 -28.47 -10.50 -38.93
CA ALA C 181 -27.49 -11.57 -38.99
C ALA C 181 -28.09 -12.98 -38.90
N ASN C 182 -27.26 -13.98 -39.18
CA ASN C 182 -27.67 -15.37 -39.12
C ASN C 182 -27.35 -15.92 -37.74
N LEU C 183 -28.38 -16.19 -36.95
CA LEU C 183 -28.17 -16.70 -35.60
C LEU C 183 -28.85 -18.05 -35.33
N PRO C 184 -28.65 -18.61 -34.13
CA PRO C 184 -29.24 -19.89 -33.71
C PRO C 184 -30.78 -19.87 -33.79
N PRO C 185 -31.47 -20.81 -33.10
CA PRO C 185 -32.92 -20.82 -33.15
C PRO C 185 -33.56 -19.64 -32.42
N SER C 198 -47.47 -28.04 5.89
CA SER C 198 -48.16 -26.77 6.08
C SER C 198 -47.32 -25.85 6.97
N TRP C 199 -46.92 -24.70 6.43
CA TRP C 199 -46.09 -23.73 7.17
C TRP C 199 -46.15 -22.30 6.60
N THR C 200 -45.73 -21.32 7.40
CA THR C 200 -45.73 -19.93 6.96
C THR C 200 -44.67 -19.08 7.70
N PRO C 201 -44.04 -18.14 6.98
CA PRO C 201 -43.01 -17.24 7.52
C PRO C 201 -43.61 -16.04 8.25
N THR C 202 -43.40 -15.98 9.56
CA THR C 202 -43.94 -14.88 10.35
C THR C 202 -43.18 -13.59 10.07
N TRP C 203 -41.86 -13.70 9.89
CA TRP C 203 -41.06 -12.53 9.62
C TRP C 203 -40.28 -12.56 8.32
N LEU C 204 -40.39 -11.48 7.56
CA LEU C 204 -39.69 -11.33 6.30
C LEU C 204 -39.14 -9.90 6.28
N PRO C 205 -37.94 -9.69 5.70
CA PRO C 205 -37.36 -8.35 5.64
C PRO C 205 -38.38 -7.34 5.08
N GLN C 206 -38.38 -6.13 5.64
CA GLN C 206 -39.32 -5.06 5.26
C GLN C 206 -40.05 -5.12 3.92
N GLY C 207 -39.35 -5.28 2.79
CA GLY C 207 -40.09 -5.31 1.53
C GLY C 207 -40.18 -6.56 0.68
N PHE C 208 -39.93 -7.74 1.23
CA PHE C 208 -40.00 -8.96 0.43
C PHE C 208 -41.40 -9.53 0.22
N SER C 209 -41.61 -10.16 -0.93
CA SER C 209 -42.91 -10.79 -1.22
C SER C 209 -42.75 -12.07 -2.07
N GLU C 210 -43.66 -13.02 -1.85
CA GLU C 210 -43.62 -14.27 -2.59
C GLU C 210 -44.08 -14.05 -4.03
N ARG C 229 -40.88 -22.18 -2.24
CA ARG C 229 -41.42 -20.82 -2.24
C ARG C 229 -40.33 -19.78 -2.45
N LEU C 230 -40.48 -18.98 -3.49
CA LEU C 230 -39.51 -17.95 -3.84
C LEU C 230 -39.92 -16.58 -3.25
N TYR C 231 -38.95 -15.70 -3.08
CA TYR C 231 -39.21 -14.37 -2.52
C TYR C 231 -38.30 -13.31 -3.12
N SER C 232 -38.82 -12.10 -3.27
CA SER C 232 -38.04 -11.00 -3.81
C SER C 232 -38.53 -9.66 -3.31
N ASP C 233 -37.62 -8.69 -3.25
CA ASP C 233 -37.98 -7.35 -2.84
C ASP C 233 -37.74 -6.44 -4.05
N GLY C 234 -37.61 -7.07 -5.21
CA GLY C 234 -37.35 -6.35 -6.45
C GLY C 234 -35.86 -6.22 -6.76
N LEU C 235 -35.01 -6.57 -5.78
CA LEU C 235 -33.56 -6.46 -5.95
C LEU C 235 -32.82 -7.76 -5.57
N PHE C 236 -33.18 -8.31 -4.42
CA PHE C 236 -32.59 -9.53 -3.92
C PHE C 236 -33.67 -10.58 -3.81
N SER C 237 -33.28 -11.84 -3.92
CA SER C 237 -34.27 -12.89 -3.78
C SER C 237 -33.68 -14.03 -2.97
N PHE C 238 -34.55 -14.98 -2.64
CA PHE C 238 -34.18 -16.15 -1.89
C PHE C 238 -35.38 -17.07 -1.86
N SER C 239 -35.14 -18.32 -1.50
CA SER C 239 -36.21 -19.30 -1.43
C SER C 239 -36.22 -19.91 -0.05
N VAL C 240 -37.41 -20.29 0.39
CA VAL C 240 -37.57 -20.93 1.68
C VAL C 240 -38.22 -22.28 1.41
N ASN C 241 -37.77 -23.28 2.14
CA ASN C 241 -38.30 -24.62 1.97
C ASN C 241 -38.33 -25.32 3.33
N VAL C 242 -39.42 -26.02 3.58
CA VAL C 242 -39.56 -26.75 4.84
C VAL C 242 -40.07 -28.16 4.54
N ASN C 243 -39.36 -29.16 5.05
CA ASN C 243 -39.72 -30.57 4.87
C ASN C 243 -39.72 -31.24 6.22
N ARG C 244 -40.21 -32.48 6.25
CA ARG C 244 -40.20 -33.26 7.47
C ARG C 244 -38.72 -33.59 7.64
N ALA C 245 -38.20 -33.37 8.83
CA ALA C 245 -36.78 -33.64 9.10
C ALA C 245 -36.43 -35.11 8.78
N THR C 246 -35.15 -35.37 8.56
CA THR C 246 -34.70 -36.73 8.25
C THR C 246 -33.32 -37.01 8.86
N PRO C 247 -32.78 -38.23 8.64
CA PRO C 247 -31.46 -38.56 9.19
C PRO C 247 -30.34 -37.64 8.68
N SER C 248 -30.53 -37.11 7.47
CA SER C 248 -29.53 -36.22 6.88
C SER C 248 -29.73 -34.75 7.30
N SER C 249 -30.91 -34.41 7.81
CA SER C 249 -31.20 -33.04 8.24
C SER C 249 -30.16 -32.55 9.24
N THR C 250 -29.51 -31.43 8.92
CA THR C 250 -28.46 -30.84 9.76
C THR C 250 -28.55 -29.33 9.85
N ASP C 251 -27.90 -28.76 10.86
CA ASP C 251 -27.87 -27.32 11.02
C ASP C 251 -26.63 -26.89 10.29
N GLN C 252 -26.75 -25.84 9.47
CA GLN C 252 -25.60 -25.37 8.71
C GLN C 252 -25.81 -23.98 8.10
N MET C 253 -24.72 -23.22 8.05
CA MET C 253 -24.75 -21.89 7.48
C MET C 253 -23.53 -21.74 6.57
N LEU C 254 -23.75 -21.91 5.28
CA LEU C 254 -22.68 -21.81 4.31
C LEU C 254 -22.85 -20.56 3.43
N ARG C 255 -21.72 -19.99 3.00
CA ARG C 255 -21.75 -18.83 2.14
C ARG C 255 -20.65 -18.83 1.11
N THR C 256 -21.04 -18.82 -0.16
CA THR C 256 -20.11 -18.78 -1.27
C THR C 256 -20.52 -17.63 -2.19
N GLY C 257 -19.82 -16.50 -2.02
CA GLY C 257 -20.12 -15.31 -2.79
C GLY C 257 -21.28 -14.57 -2.16
N ARG C 258 -22.28 -14.22 -2.96
CA ARG C 258 -23.44 -13.52 -2.44
C ARG C 258 -24.50 -14.56 -2.07
N ARG C 259 -24.21 -15.81 -2.40
CA ARG C 259 -25.12 -16.91 -2.11
C ARG C 259 -24.92 -17.43 -0.69
N THR C 260 -26.02 -17.48 0.06
CA THR C 260 -26.00 -17.98 1.43
C THR C 260 -26.88 -19.20 1.47
N VAL C 261 -26.47 -20.21 2.24
CA VAL C 261 -27.27 -21.41 2.38
C VAL C 261 -27.43 -21.64 3.86
N SER C 262 -28.68 -21.83 4.28
CA SER C 262 -28.93 -22.07 5.68
C SER C 262 -29.93 -23.19 5.88
N THR C 263 -29.55 -24.14 6.73
CA THR C 263 -30.43 -25.27 7.06
C THR C 263 -30.51 -25.30 8.57
N SER C 264 -31.68 -25.61 9.09
CA SER C 264 -31.85 -25.69 10.54
C SER C 264 -32.91 -26.75 10.81
N VAL C 265 -32.69 -27.56 11.84
CA VAL C 265 -33.67 -28.58 12.16
C VAL C 265 -34.35 -28.07 13.42
N ARG C 266 -35.67 -28.04 13.37
CA ARG C 266 -36.47 -27.51 14.48
C ARG C 266 -37.80 -28.28 14.55
N ASP C 267 -38.14 -28.77 15.73
CA ASP C 267 -39.39 -29.51 15.91
C ASP C 267 -39.62 -30.54 14.79
N ASN C 268 -38.64 -31.41 14.60
CA ASN C 268 -38.68 -32.46 13.59
C ASN C 268 -38.97 -31.94 12.17
N ALA C 269 -38.57 -30.70 11.93
CA ALA C 269 -38.77 -30.08 10.62
C ALA C 269 -37.46 -29.46 10.17
N GLU C 270 -37.14 -29.60 8.89
CA GLU C 270 -35.90 -29.03 8.39
C GLU C 270 -36.21 -27.80 7.54
N ILE C 271 -35.67 -26.66 7.95
CA ILE C 271 -35.89 -25.43 7.22
C ILE C 271 -34.67 -25.09 6.37
N THR C 272 -34.92 -24.88 5.09
CA THR C 272 -33.87 -24.56 4.14
C THR C 272 -34.11 -23.19 3.51
N ILE C 273 -33.11 -22.31 3.62
CA ILE C 273 -33.21 -20.97 3.05
C ILE C 273 -31.98 -20.78 2.20
N VAL C 274 -32.17 -20.38 0.96
CA VAL C 274 -31.06 -20.19 0.05
C VAL C 274 -31.21 -18.91 -0.74
N GLY C 275 -30.25 -18.00 -0.63
CA GLY C 275 -30.36 -16.77 -1.39
C GLY C 275 -29.31 -15.73 -1.10
N GLU C 276 -29.55 -14.52 -1.59
CA GLU C 276 -28.63 -13.40 -1.38
C GLU C 276 -29.01 -12.70 -0.08
N LEU C 277 -28.75 -13.37 1.04
CA LEU C 277 -29.09 -12.82 2.34
C LEU C 277 -27.96 -12.98 3.34
N PRO C 278 -27.75 -11.96 4.18
CA PRO C 278 -26.69 -12.09 5.17
C PRO C 278 -27.13 -13.22 6.12
N PRO C 279 -26.17 -13.93 6.73
CA PRO C 279 -26.43 -15.02 7.67
C PRO C 279 -27.52 -14.71 8.72
N GLN C 280 -27.27 -13.66 9.49
CA GLN C 280 -28.21 -13.22 10.53
C GLN C 280 -29.65 -13.13 10.03
N THR C 281 -29.83 -12.62 8.83
CA THR C 281 -31.17 -12.49 8.26
C THR C 281 -31.79 -13.85 7.90
N ALA C 282 -31.02 -14.71 7.27
CA ALA C 282 -31.56 -16.03 6.92
C ALA C 282 -31.97 -16.74 8.21
N LYS C 283 -31.19 -16.57 9.27
CA LYS C 283 -31.52 -17.19 10.54
C LYS C 283 -32.81 -16.63 11.14
N ARG C 284 -32.94 -15.31 11.20
CA ARG C 284 -34.16 -14.73 11.74
C ARG C 284 -35.39 -15.23 11.01
N ILE C 285 -35.28 -15.35 9.70
CA ILE C 285 -36.42 -15.85 8.92
C ILE C 285 -36.74 -17.26 9.35
N ALA C 286 -35.71 -18.10 9.39
CA ALA C 286 -35.86 -19.49 9.79
C ALA C 286 -36.54 -19.66 11.14
N GLU C 287 -36.11 -18.86 12.11
CA GLU C 287 -36.64 -18.93 13.46
C GLU C 287 -38.05 -18.39 13.64
N ASN C 288 -38.57 -17.70 12.65
CA ASN C 288 -39.90 -17.13 12.75
C ASN C 288 -40.93 -17.85 11.94
N ILE C 289 -40.55 -18.98 11.33
CA ILE C 289 -41.52 -19.71 10.56
C ILE C 289 -42.41 -20.47 11.54
N LYS C 290 -43.69 -20.57 11.22
CA LYS C 290 -44.65 -21.29 12.06
C LYS C 290 -45.34 -22.33 11.18
N PHE C 291 -45.49 -23.54 11.73
CA PHE C 291 -46.11 -24.63 10.99
C PHE C 291 -47.62 -24.73 11.16
#